data_4OYR
#
_entry.id   4OYR
#
_cell.length_a   74.842
_cell.length_b   90.653
_cell.length_c   164.436
_cell.angle_alpha   90.000
_cell.angle_beta   90.000
_cell.angle_gamma   90.000
#
_symmetry.space_group_name_H-M   'P 21 21 21'
#
loop_
_entity.id
_entity.type
_entity.pdbx_description
1 polymer 'Enoyl-[acyl-carrier-protein] reductase [NADH]'
2 non-polymer NICOTINAMIDE-ADENINE-DINUCLEOTIDE
3 non-polymer 2-(2-chloranylphenoxy)-5-hexyl-phenol
4 water water
#
_entity_poly.entity_id   1
_entity_poly.type   'polypeptide(L)'
_entity_poly.pdbx_seq_one_letter_code
;MGSSHHHHHHSSGLVPRGSHMTGLLDGKRILVSGIITDSSIAFHIARVAQEQGAQLVLTGFDRLRLIQRITDRLPAKAPL
LELDVQNEEHLASLAGRVTEAIGAGNKLDGVVHSIGFMPQTGMGINPFFDAPYADVSKGIHISAYSYASMAKALLPIMNP
GGSIVGMDFDPSRAMPAYNWMTVAKSALESVNRFVAREAGKYGVRSNLVAAGPIRTLAMSAIVGGALGEEAGAQIQLLEE
GWDQRAPIGWNMKDATPVAKTVCALLSDWLPATTGDIIYADGGAHTQLL
;
_entity_poly.pdbx_strand_id   A,B,C,D
#
loop_
_chem_comp.id
_chem_comp.type
_chem_comp.name
_chem_comp.formula
1US non-polymer 2-(2-chloranylphenoxy)-5-hexyl-phenol 'C18 H21 Cl O2'
NAD non-polymer NICOTINAMIDE-ADENINE-DINUCLEOTIDE 'C21 H27 N7 O14 P2'
#
# COMPACT_ATOMS: atom_id res chain seq x y z
N GLY A 23 -22.76 -27.66 1.42
CA GLY A 23 -21.40 -28.15 1.42
C GLY A 23 -20.51 -27.33 0.49
N LEU A 24 -19.96 -26.25 1.02
CA LEU A 24 -19.16 -25.31 0.23
C LEU A 24 -17.94 -25.99 -0.41
N LEU A 25 -17.42 -27.01 0.27
CA LEU A 25 -16.25 -27.77 -0.21
C LEU A 25 -16.63 -29.24 -0.42
N ASP A 26 -17.86 -29.50 -0.84
CA ASP A 26 -18.32 -30.86 -1.03
C ASP A 26 -17.46 -31.61 -2.05
N GLY A 27 -16.86 -32.71 -1.59
CA GLY A 27 -16.09 -33.58 -2.46
C GLY A 27 -14.71 -33.05 -2.80
N LYS A 28 -14.24 -32.08 -2.02
CA LYS A 28 -12.91 -31.53 -2.26
C LYS A 28 -11.89 -32.23 -1.41
N ARG A 29 -10.70 -32.41 -1.97
CA ARG A 29 -9.61 -33.04 -1.25
C ARG A 29 -8.62 -31.96 -0.86
N ILE A 30 -8.39 -31.79 0.43
CA ILE A 30 -7.61 -30.65 0.87
C ILE A 30 -6.56 -31.02 1.90
N LEU A 31 -5.31 -30.62 1.65
CA LEU A 31 -4.25 -30.80 2.63
C LEU A 31 -4.25 -29.62 3.63
N VAL A 32 -4.36 -29.94 4.93
CA VAL A 32 -4.29 -28.90 5.95
C VAL A 32 -3.14 -29.15 6.89
N SER A 33 -2.13 -28.28 6.82
CA SER A 33 -0.95 -28.34 7.69
C SER A 33 -1.12 -27.42 8.90
N GLY A 34 -0.30 -27.60 9.93
CA GLY A 34 -0.22 -26.61 10.99
C GLY A 34 -1.00 -26.87 12.27
N ILE A 35 -1.79 -27.93 12.32
CA ILE A 35 -2.46 -28.27 13.57
C ILE A 35 -1.44 -28.63 14.63
N ILE A 36 -1.51 -27.98 15.80
CA ILE A 36 -0.76 -28.46 16.95
C ILE A 36 -1.65 -28.62 18.20
N THR A 37 -2.53 -27.64 18.46
CA THR A 37 -3.53 -27.78 19.53
C THR A 37 -4.89 -27.49 18.93
N ASP A 38 -5.97 -27.65 19.72
CA ASP A 38 -7.31 -27.32 19.24
C ASP A 38 -7.67 -25.82 19.29
N SER A 39 -6.69 -24.98 19.61
CA SER A 39 -6.82 -23.54 19.38
C SER A 39 -6.10 -23.10 18.10
N SER A 40 -5.34 -24.01 17.47
CA SER A 40 -4.62 -23.67 16.22
C SER A 40 -5.59 -23.19 15.16
N ILE A 41 -5.20 -22.15 14.42
CA ILE A 41 -6.02 -21.67 13.32
C ILE A 41 -6.27 -22.82 12.35
N ALA A 42 -5.22 -23.61 12.07
CA ALA A 42 -5.34 -24.81 11.23
C ALA A 42 -6.41 -25.81 11.70
N PHE A 43 -6.57 -25.96 13.01
CA PHE A 43 -7.58 -26.88 13.54
C PHE A 43 -8.97 -26.43 13.13
N HIS A 44 -9.23 -25.15 13.32
CA HIS A 44 -10.53 -24.60 12.99
C HIS A 44 -10.76 -24.55 11.49
N ILE A 45 -9.69 -24.32 10.73
CA ILE A 45 -9.76 -24.41 9.28
C ILE A 45 -10.19 -25.83 8.87
N ALA A 46 -9.49 -26.82 9.42
CA ALA A 46 -9.85 -28.21 9.19
C ALA A 46 -11.28 -28.49 9.61
N ARG A 47 -11.65 -28.06 10.81
CA ARG A 47 -13.01 -28.34 11.32
C ARG A 47 -14.08 -27.85 10.37
N VAL A 48 -14.00 -26.57 10.01
CA VAL A 48 -14.98 -25.95 9.12
C VAL A 48 -14.96 -26.59 7.73
N ALA A 49 -13.78 -26.87 7.20
CA ALA A 49 -13.66 -27.60 5.94
C ALA A 49 -14.37 -28.97 5.99
N GLN A 50 -14.24 -29.69 7.10
CA GLN A 50 -14.95 -30.96 7.24
C GLN A 50 -16.46 -30.74 7.32
N GLU A 51 -16.88 -29.71 8.05
CA GLU A 51 -18.29 -29.32 8.11
C GLU A 51 -18.86 -29.05 6.73
N GLN A 52 -18.04 -28.54 5.83
CA GLN A 52 -18.49 -28.26 4.47
C GLN A 52 -18.18 -29.40 3.50
N GLY A 53 -18.02 -30.60 4.03
CA GLY A 53 -17.94 -31.79 3.20
C GLY A 53 -16.60 -32.09 2.53
N ALA A 54 -15.56 -31.37 2.92
CA ALA A 54 -14.23 -31.60 2.39
C ALA A 54 -13.65 -32.91 2.91
N GLN A 55 -12.86 -33.58 2.08
CA GLN A 55 -12.09 -34.73 2.54
C GLN A 55 -10.65 -34.27 2.76
N LEU A 56 -10.14 -34.48 3.97
CA LEU A 56 -8.86 -33.90 4.35
C LEU A 56 -7.69 -34.88 4.46
N VAL A 57 -6.50 -34.33 4.28
CA VAL A 57 -5.24 -34.94 4.70
C VAL A 57 -4.53 -33.93 5.59
N LEU A 58 -4.03 -34.36 6.74
CA LEU A 58 -3.37 -33.43 7.66
C LEU A 58 -1.87 -33.66 7.76
N THR A 59 -1.12 -32.59 7.97
CA THR A 59 0.31 -32.74 8.23
C THR A 59 0.65 -32.09 9.57
N GLY A 60 1.54 -32.74 10.34
CA GLY A 60 1.95 -32.23 11.63
C GLY A 60 3.45 -32.26 11.78
N PHE A 61 3.96 -31.61 12.81
CA PHE A 61 5.40 -31.50 13.01
C PHE A 61 5.87 -31.82 14.42
N ASP A 62 6.83 -32.74 14.51
CA ASP A 62 7.56 -33.07 15.74
C ASP A 62 6.82 -34.06 16.66
N ARG A 63 5.82 -33.59 17.39
CA ARG A 63 5.14 -34.46 18.37
C ARG A 63 3.86 -35.08 17.81
N LEU A 64 4.02 -36.08 16.94
CA LEU A 64 2.91 -36.59 16.15
C LEU A 64 1.87 -37.44 16.88
N ARG A 65 2.29 -38.14 17.94
CA ARG A 65 1.34 -38.87 18.77
C ARG A 65 0.41 -37.89 19.47
N LEU A 66 0.96 -36.78 19.93
N LEU A 66 0.96 -36.78 19.95
CA LEU A 66 0.13 -35.76 20.60
CA LEU A 66 0.16 -35.74 20.60
C LEU A 66 -0.81 -35.09 19.61
C LEU A 66 -0.80 -35.09 19.61
N ILE A 67 -0.30 -34.80 18.40
CA ILE A 67 -1.12 -34.17 17.36
C ILE A 67 -2.32 -35.03 16.91
N GLN A 68 -2.08 -36.32 16.73
CA GLN A 68 -3.12 -37.25 16.35
C GLN A 68 -4.30 -37.27 17.34
N ARG A 69 -3.96 -37.09 18.62
CA ARG A 69 -4.96 -37.00 19.68
C ARG A 69 -5.73 -35.68 19.61
N ILE A 70 -5.11 -34.64 19.03
CA ILE A 70 -5.84 -33.40 18.82
C ILE A 70 -6.76 -33.51 17.62
N THR A 71 -6.24 -34.08 16.53
CA THR A 71 -7.03 -34.24 15.31
C THR A 71 -8.14 -35.27 15.51
N ASP A 72 -8.06 -36.01 16.60
CA ASP A 72 -9.13 -36.95 16.96
C ASP A 72 -10.37 -36.18 17.31
N ARG A 73 -10.21 -34.90 17.66
CA ARG A 73 -11.32 -34.07 18.11
C ARG A 73 -12.05 -33.41 16.94
N LEU A 74 -11.52 -33.55 15.73
CA LEU A 74 -12.18 -33.00 14.54
C LEU A 74 -13.48 -33.77 14.27
N PRO A 75 -14.37 -33.19 13.45
CA PRO A 75 -15.62 -33.88 13.14
C PRO A 75 -15.44 -35.26 12.49
N ALA A 76 -14.44 -35.41 11.64
CA ALA A 76 -14.28 -36.65 10.88
C ALA A 76 -12.85 -37.21 10.85
N LYS A 77 -12.72 -38.43 10.36
CA LYS A 77 -11.41 -39.08 10.28
C LYS A 77 -10.57 -38.58 9.11
N ALA A 78 -9.35 -38.14 9.39
CA ALA A 78 -8.41 -37.73 8.35
C ALA A 78 -7.03 -38.30 8.64
N PRO A 79 -6.34 -38.77 7.59
CA PRO A 79 -4.97 -39.29 7.75
C PRO A 79 -4.03 -38.19 8.21
N LEU A 80 -3.08 -38.54 9.07
CA LEU A 80 -2.11 -37.58 9.54
C LEU A 80 -0.75 -37.92 8.96
N LEU A 81 -0.08 -36.93 8.38
CA LEU A 81 1.25 -37.16 7.78
C LEU A 81 2.28 -36.33 8.51
N GLU A 82 3.46 -36.89 8.78
CA GLU A 82 4.53 -36.09 9.37
C GLU A 82 5.19 -35.16 8.33
N LEU A 83 5.31 -33.87 8.68
CA LEU A 83 5.97 -32.91 7.80
C LEU A 83 6.74 -31.79 8.52
N ASP A 84 8.05 -31.93 8.57
CA ASP A 84 8.95 -30.85 8.96
C ASP A 84 9.37 -30.10 7.68
N VAL A 85 8.90 -28.87 7.52
CA VAL A 85 9.15 -28.14 6.28
C VAL A 85 10.64 -27.81 6.07
N GLN A 86 11.45 -27.95 7.12
CA GLN A 86 12.91 -27.85 6.98
C GLN A 86 13.59 -29.16 6.55
N ASN A 87 12.82 -30.23 6.46
CA ASN A 87 13.37 -31.54 6.12
C ASN A 87 13.22 -31.86 4.64
N GLU A 88 14.34 -31.86 3.90
CA GLU A 88 14.29 -32.11 2.45
C GLU A 88 13.66 -33.44 2.08
N GLU A 89 13.92 -34.46 2.89
CA GLU A 89 13.37 -35.80 2.64
C GLU A 89 11.85 -35.83 2.87
N HIS A 90 11.37 -35.13 3.88
CA HIS A 90 9.94 -35.00 4.12
C HIS A 90 9.22 -34.36 2.95
N LEU A 91 9.84 -33.33 2.38
CA LEU A 91 9.27 -32.62 1.23
C LEU A 91 9.31 -33.47 -0.03
N ALA A 92 10.40 -34.20 -0.22
CA ALA A 92 10.54 -35.00 -1.44
C ALA A 92 9.55 -36.16 -1.51
N SER A 93 9.09 -36.62 -0.35
CA SER A 93 8.18 -37.76 -0.31
C SER A 93 6.72 -37.35 -0.15
N LEU A 94 6.51 -36.08 0.16
CA LEU A 94 5.19 -35.54 0.54
C LEU A 94 4.11 -35.93 -0.46
N ALA A 95 4.33 -35.56 -1.72
CA ALA A 95 3.36 -35.81 -2.78
C ALA A 95 2.98 -37.28 -2.93
N GLY A 96 3.96 -38.17 -2.80
CA GLY A 96 3.70 -39.60 -2.85
C GLY A 96 2.88 -40.06 -1.64
N ARG A 97 3.25 -39.57 -0.45
CA ARG A 97 2.54 -39.91 0.79
C ARG A 97 1.10 -39.39 0.79
N VAL A 98 0.90 -38.19 0.23
CA VAL A 98 -0.44 -37.67 0.05
C VAL A 98 -1.26 -38.58 -0.85
N THR A 99 -0.68 -38.94 -2.00
CA THR A 99 -1.35 -39.79 -2.98
C THR A 99 -1.71 -41.15 -2.38
N GLU A 100 -0.79 -41.69 -1.57
CA GLU A 100 -1.05 -42.93 -0.85
C GLU A 100 -2.27 -42.73 0.05
N ALA A 101 -2.39 -41.55 0.65
CA ALA A 101 -3.52 -41.28 1.54
C ALA A 101 -4.84 -41.11 0.80
N ILE A 102 -4.83 -40.37 -0.31
CA ILE A 102 -6.07 -40.07 -1.01
C ILE A 102 -6.42 -41.07 -2.10
N GLY A 103 -5.45 -41.92 -2.43
CA GLY A 103 -5.67 -42.96 -3.43
C GLY A 103 -5.08 -42.60 -4.78
N ALA A 104 -4.44 -43.58 -5.42
CA ALA A 104 -3.85 -43.41 -6.74
C ALA A 104 -4.79 -42.75 -7.74
N GLY A 105 -4.29 -41.76 -8.46
CA GLY A 105 -5.06 -41.13 -9.51
C GLY A 105 -5.90 -39.95 -9.04
N ASN A 106 -6.05 -39.82 -7.74
CA ASN A 106 -6.74 -38.68 -7.16
C ASN A 106 -5.77 -37.55 -6.87
N LYS A 107 -6.25 -36.32 -6.97
CA LYS A 107 -5.39 -35.16 -6.73
C LYS A 107 -6.00 -34.21 -5.69
N LEU A 108 -5.16 -33.33 -5.14
CA LEU A 108 -5.63 -32.32 -4.21
C LEU A 108 -6.31 -31.16 -4.94
N ASP A 109 -7.38 -30.66 -4.34
CA ASP A 109 -8.02 -29.44 -4.83
C ASP A 109 -7.59 -28.26 -3.95
N GLY A 110 -7.16 -28.57 -2.73
CA GLY A 110 -6.75 -27.55 -1.79
C GLY A 110 -5.50 -27.85 -0.97
N VAL A 111 -4.81 -26.79 -0.57
CA VAL A 111 -3.61 -26.90 0.24
C VAL A 111 -3.54 -25.73 1.20
N VAL A 112 -3.54 -25.99 2.50
CA VAL A 112 -3.44 -24.91 3.48
C VAL A 112 -2.08 -24.92 4.17
N HIS A 113 -1.35 -23.82 4.00
CA HIS A 113 -0.11 -23.60 4.72
C HIS A 113 -0.45 -22.77 5.94
N SER A 114 -0.39 -23.37 7.12
CA SER A 114 -0.73 -22.68 8.36
C SER A 114 0.34 -22.91 9.40
N ILE A 115 1.53 -22.41 9.09
CA ILE A 115 2.75 -22.78 9.78
C ILE A 115 3.61 -21.56 9.98
N GLY A 116 4.24 -21.43 11.13
CA GLY A 116 5.23 -20.39 11.31
C GLY A 116 6.12 -20.68 12.49
N PHE A 117 7.30 -20.07 12.51
CA PHE A 117 8.15 -20.15 13.68
C PHE A 117 9.12 -18.99 13.63
N MET A 118 9.56 -18.54 14.81
CA MET A 118 10.67 -17.61 14.89
C MET A 118 11.31 -17.82 16.24
N PRO A 119 12.65 -17.96 16.28
CA PRO A 119 13.26 -18.14 17.60
C PRO A 119 13.09 -16.92 18.50
N GLN A 120 13.20 -17.18 19.80
CA GLN A 120 12.98 -16.19 20.82
C GLN A 120 13.77 -14.90 20.64
N THR A 121 14.99 -15.02 20.15
CA THR A 121 15.86 -13.86 20.01
C THR A 121 15.27 -12.89 19.00
N GLY A 122 14.48 -13.42 18.08
CA GLY A 122 13.85 -12.61 17.05
C GLY A 122 12.47 -12.09 17.40
N MET A 123 12.11 -12.12 18.69
CA MET A 123 10.76 -11.78 19.11
C MET A 123 10.68 -11.00 20.43
N GLY A 124 9.48 -10.50 20.74
CA GLY A 124 9.19 -9.93 22.04
C GLY A 124 9.97 -8.68 22.35
N ILE A 125 10.52 -8.64 23.56
CA ILE A 125 11.30 -7.47 24.00
C ILE A 125 12.79 -7.74 23.87
N ASN A 126 13.16 -8.86 23.29
CA ASN A 126 14.57 -9.07 22.95
C ASN A 126 14.91 -8.06 21.85
N PRO A 127 16.05 -7.37 21.99
CA PRO A 127 16.36 -6.31 21.03
C PRO A 127 16.41 -6.82 19.59
N PHE A 128 15.74 -6.11 18.70
CA PHE A 128 15.73 -6.43 17.27
C PHE A 128 17.14 -6.69 16.70
N PHE A 129 18.11 -5.85 17.09
CA PHE A 129 19.46 -5.98 16.58
C PHE A 129 20.23 -7.20 17.12
N ASP A 130 19.70 -7.90 18.11
CA ASP A 130 20.45 -9.00 18.74
C ASP A 130 20.13 -10.39 18.21
N ALA A 131 19.11 -10.52 17.38
CA ALA A 131 18.85 -11.81 16.72
C ALA A 131 20.01 -12.15 15.77
N PRO A 132 20.67 -13.31 15.98
CA PRO A 132 21.73 -13.73 15.06
C PRO A 132 21.06 -14.05 13.74
N TYR A 133 21.78 -14.01 12.63
CA TYR A 133 21.13 -14.36 11.38
C TYR A 133 20.61 -15.80 11.32
N ALA A 134 21.36 -16.73 11.90
CA ALA A 134 20.94 -18.14 11.88
C ALA A 134 19.56 -18.31 12.47
N ASP A 135 19.25 -17.53 13.50
CA ASP A 135 17.91 -17.56 14.09
C ASP A 135 16.87 -16.98 13.14
N VAL A 136 17.16 -15.80 12.59
CA VAL A 136 16.23 -15.17 11.63
C VAL A 136 16.01 -16.06 10.42
N SER A 137 17.10 -16.62 9.90
CA SER A 137 17.04 -17.49 8.74
C SER A 137 16.17 -18.72 8.96
N LYS A 138 16.29 -19.32 10.14
CA LYS A 138 15.45 -20.46 10.49
C LYS A 138 13.98 -20.03 10.48
N GLY A 139 13.71 -18.89 11.09
CA GLY A 139 12.37 -18.32 11.10
C GLY A 139 11.84 -18.06 9.70
N ILE A 140 12.70 -17.49 8.85
CA ILE A 140 12.27 -17.20 7.46
C ILE A 140 12.09 -18.51 6.64
N HIS A 141 12.95 -19.49 6.88
CA HIS A 141 12.81 -20.78 6.19
C HIS A 141 11.45 -21.43 6.47
N ILE A 142 11.15 -21.62 7.75
CA ILE A 142 9.89 -22.24 8.18
C ILE A 142 8.70 -21.38 7.78
N SER A 143 8.79 -20.08 8.02
CA SER A 143 7.63 -19.18 7.90
C SER A 143 7.36 -18.61 6.51
N ALA A 144 8.39 -18.45 5.68
CA ALA A 144 8.20 -17.90 4.33
C ALA A 144 8.68 -18.83 3.20
N TYR A 145 9.94 -19.26 3.25
CA TYR A 145 10.45 -20.13 2.19
C TYR A 145 9.60 -21.38 2.05
N SER A 146 9.13 -21.91 3.17
CA SER A 146 8.35 -23.16 3.18
C SER A 146 7.05 -23.08 2.40
N TYR A 147 6.54 -21.88 2.16
CA TYR A 147 5.34 -21.73 1.36
C TYR A 147 5.66 -22.11 -0.08
N ALA A 148 6.81 -21.68 -0.57
CA ALA A 148 7.23 -22.03 -1.92
C ALA A 148 7.53 -23.53 -2.04
N SER A 149 8.16 -24.09 -1.01
CA SER A 149 8.58 -25.49 -1.11
C SER A 149 7.38 -26.45 -1.00
N MET A 150 6.37 -26.06 -0.24
CA MET A 150 5.12 -26.82 -0.17
C MET A 150 4.37 -26.77 -1.49
N ALA A 151 4.31 -25.59 -2.09
CA ALA A 151 3.68 -25.43 -3.40
C ALA A 151 4.43 -26.25 -4.46
N LYS A 152 5.76 -26.17 -4.41
CA LYS A 152 6.63 -26.97 -5.30
C LYS A 152 6.36 -28.48 -5.21
N ALA A 153 6.12 -28.99 -4.01
CA ALA A 153 5.90 -30.42 -3.82
C ALA A 153 4.47 -30.83 -4.18
N LEU A 154 3.50 -29.97 -3.90
CA LEU A 154 2.09 -30.34 -4.06
C LEU A 154 1.45 -29.95 -5.39
N LEU A 155 1.94 -28.89 -6.05
CA LEU A 155 1.41 -28.52 -7.37
C LEU A 155 1.33 -29.66 -8.39
N PRO A 156 2.39 -30.48 -8.52
CA PRO A 156 2.25 -31.55 -9.53
C PRO A 156 1.09 -32.52 -9.27
N ILE A 157 0.53 -32.52 -8.06
CA ILE A 157 -0.65 -33.34 -7.79
C ILE A 157 -1.90 -32.50 -7.45
N MET A 158 -1.98 -31.28 -7.98
CA MET A 158 -3.18 -30.48 -7.80
C MET A 158 -4.09 -30.44 -9.02
N ASN A 159 -5.40 -30.52 -8.80
CA ASN A 159 -6.38 -30.34 -9.87
C ASN A 159 -6.49 -28.88 -10.29
N PRO A 160 -6.82 -28.65 -11.57
CA PRO A 160 -7.18 -27.30 -12.01
C PRO A 160 -8.39 -26.80 -11.24
N GLY A 161 -8.46 -25.50 -10.98
CA GLY A 161 -9.52 -24.93 -10.17
C GLY A 161 -9.12 -25.00 -8.72
N GLY A 162 -7.87 -25.39 -8.49
CA GLY A 162 -7.37 -25.61 -7.16
C GLY A 162 -6.96 -24.33 -6.44
N SER A 163 -6.62 -24.47 -5.16
CA SER A 163 -6.34 -23.32 -4.31
C SER A 163 -5.33 -23.62 -3.21
N ILE A 164 -4.30 -22.78 -3.15
CA ILE A 164 -3.29 -22.84 -2.09
C ILE A 164 -3.47 -21.58 -1.26
N VAL A 165 -3.64 -21.76 0.04
CA VAL A 165 -3.82 -20.66 0.94
C VAL A 165 -2.80 -20.72 2.08
N GLY A 166 -2.22 -19.58 2.42
CA GLY A 166 -1.30 -19.51 3.54
C GLY A 166 -1.74 -18.46 4.54
N MET A 167 -1.25 -18.53 5.77
CA MET A 167 -1.68 -17.60 6.81
C MET A 167 -0.72 -16.44 6.98
N ASP A 168 -1.27 -15.22 7.05
CA ASP A 168 -0.48 -14.01 7.11
C ASP A 168 -0.89 -13.15 8.30
N PHE A 169 0.03 -12.33 8.80
CA PHE A 169 -0.30 -11.24 9.72
C PHE A 169 0.28 -9.95 9.13
N ASP A 170 -0.61 -9.04 8.71
CA ASP A 170 -0.27 -7.79 7.99
C ASP A 170 1.01 -7.14 8.52
N PRO A 171 2.11 -7.25 7.75
CA PRO A 171 3.44 -6.72 8.07
C PRO A 171 3.77 -5.38 7.35
N SER A 172 2.78 -4.74 6.72
CA SER A 172 3.04 -3.49 5.99
C SER A 172 3.50 -2.32 6.89
N ARG A 173 3.29 -2.43 8.20
CA ARG A 173 3.81 -1.45 9.13
C ARG A 173 4.49 -2.16 10.28
N ALA A 174 5.54 -1.54 10.85
CA ALA A 174 6.27 -2.17 11.94
C ALA A 174 5.49 -2.02 13.25
N MET A 175 5.90 -2.74 14.28
CA MET A 175 5.08 -2.80 15.49
C MET A 175 5.85 -3.41 16.65
N PRO A 176 5.36 -3.24 17.88
CA PRO A 176 5.99 -3.89 19.02
C PRO A 176 5.94 -5.42 18.90
N ALA A 177 6.91 -6.09 19.51
CA ALA A 177 6.85 -7.54 19.74
C ALA A 177 7.04 -8.44 18.52
N TYR A 178 6.34 -8.16 17.43
CA TYR A 178 6.35 -9.05 16.28
C TYR A 178 7.72 -9.13 15.59
N ASN A 179 8.50 -8.06 15.71
CA ASN A 179 9.90 -8.00 15.23
C ASN A 179 10.21 -8.75 13.92
N TRP A 180 10.97 -9.83 14.00
CA TRP A 180 11.47 -10.48 12.79
C TRP A 180 10.44 -11.37 12.09
N MET A 181 9.44 -11.82 12.84
CA MET A 181 8.29 -12.46 12.22
C MET A 181 7.65 -11.51 11.19
N THR A 182 7.57 -10.23 11.52
CA THR A 182 7.10 -9.21 10.58
C THR A 182 7.92 -9.23 9.29
N VAL A 183 9.24 -9.28 9.43
CA VAL A 183 10.14 -9.41 8.28
C VAL A 183 9.83 -10.70 7.54
N ALA A 184 9.60 -11.78 8.28
CA ALA A 184 9.26 -13.06 7.67
C ALA A 184 7.94 -13.01 6.91
N LYS A 185 6.94 -12.33 7.49
CA LYS A 185 5.63 -12.15 6.83
C LYS A 185 5.73 -11.30 5.57
N SER A 186 6.58 -10.28 5.58
CA SER A 186 6.78 -9.46 4.38
C SER A 186 7.36 -10.34 3.25
N ALA A 187 8.33 -11.17 3.62
CA ALA A 187 8.90 -12.12 2.65
C ALA A 187 7.81 -13.05 2.09
N LEU A 188 6.92 -13.50 2.98
N LEU A 188 6.91 -13.51 2.97
CA LEU A 188 5.86 -14.44 2.62
CA LEU A 188 5.85 -14.45 2.62
C LEU A 188 4.97 -13.90 1.51
C LEU A 188 4.94 -13.91 1.53
N GLU A 189 4.44 -12.70 1.74
CA GLU A 189 3.60 -12.02 0.75
C GLU A 189 4.30 -11.92 -0.59
N SER A 190 5.60 -11.65 -0.58
CA SER A 190 6.35 -11.59 -1.84
C SER A 190 6.43 -12.99 -2.44
N VAL A 191 6.74 -13.98 -1.59
CA VAL A 191 6.79 -15.36 -2.05
C VAL A 191 5.45 -15.79 -2.65
N ASN A 192 4.37 -15.43 -1.96
CA ASN A 192 3.01 -15.70 -2.46
C ASN A 192 2.75 -15.19 -3.89
N ARG A 193 3.23 -13.99 -4.21
CA ARG A 193 3.01 -13.41 -5.53
C ARG A 193 3.77 -14.16 -6.63
N PHE A 194 4.95 -14.68 -6.30
CA PHE A 194 5.65 -15.56 -7.23
C PHE A 194 5.05 -16.95 -7.31
N VAL A 195 4.59 -17.49 -6.18
CA VAL A 195 3.92 -18.79 -6.18
C VAL A 195 2.70 -18.77 -7.10
N ALA A 196 1.96 -17.68 -7.07
CA ALA A 196 0.80 -17.51 -7.95
C ALA A 196 1.17 -17.68 -9.43
N ARG A 197 2.38 -17.22 -9.79
CA ARG A 197 2.83 -17.33 -11.19
C ARG A 197 3.02 -18.78 -11.60
N GLU A 198 3.62 -19.56 -10.70
CA GLU A 198 3.87 -20.98 -10.98
C GLU A 198 2.57 -21.76 -10.94
N ALA A 199 1.77 -21.49 -9.90
CA ALA A 199 0.49 -22.14 -9.68
C ALA A 199 -0.46 -21.96 -10.86
N GLY A 200 -0.43 -20.77 -11.44
CA GLY A 200 -1.30 -20.45 -12.56
C GLY A 200 -1.12 -21.37 -13.74
N LYS A 201 0.08 -21.91 -13.91
CA LYS A 201 0.34 -22.86 -14.99
C LYS A 201 -0.42 -24.17 -14.80
N TYR A 202 -0.83 -24.43 -13.55
CA TYR A 202 -1.59 -25.63 -13.22
C TYR A 202 -3.09 -25.36 -13.09
N GLY A 203 -3.49 -24.12 -13.38
CA GLY A 203 -4.86 -23.69 -13.15
C GLY A 203 -5.19 -23.54 -11.67
N VAL A 204 -4.19 -23.17 -10.88
CA VAL A 204 -4.31 -23.08 -9.42
C VAL A 204 -4.10 -21.67 -8.91
N ARG A 205 -4.94 -21.24 -7.97
CA ARG A 205 -4.79 -19.96 -7.29
C ARG A 205 -3.89 -20.10 -6.07
N SER A 206 -3.24 -19.01 -5.70
CA SER A 206 -2.48 -18.94 -4.47
C SER A 206 -2.78 -17.60 -3.81
N ASN A 207 -3.14 -17.64 -2.53
CA ASN A 207 -3.47 -16.43 -1.79
C ASN A 207 -3.12 -16.53 -0.32
N LEU A 208 -2.95 -15.39 0.31
CA LEU A 208 -2.75 -15.36 1.75
C LEU A 208 -4.01 -14.85 2.42
N VAL A 209 -4.27 -15.33 3.62
CA VAL A 209 -5.27 -14.69 4.48
C VAL A 209 -4.56 -13.97 5.60
N ALA A 210 -4.63 -12.64 5.59
CA ALA A 210 -4.16 -11.86 6.73
C ALA A 210 -5.21 -11.84 7.84
N ALA A 211 -4.92 -12.51 8.94
CA ALA A 211 -5.92 -12.65 10.00
C ALA A 211 -5.56 -11.76 11.17
N GLY A 212 -6.57 -11.21 11.84
CA GLY A 212 -6.35 -10.52 13.08
C GLY A 212 -5.84 -11.47 14.16
N PRO A 213 -5.55 -10.96 15.36
CA PRO A 213 -4.93 -11.77 16.40
C PRO A 213 -5.89 -12.82 16.95
N ILE A 214 -5.35 -14.02 17.18
CA ILE A 214 -6.12 -15.15 17.65
C ILE A 214 -5.33 -15.87 18.75
N ARG A 215 -6.02 -16.24 19.83
CA ARG A 215 -5.43 -16.87 20.97
C ARG A 215 -5.02 -18.31 20.61
N THR A 216 -3.72 -18.49 20.31
CA THR A 216 -3.16 -19.77 19.92
C THR A 216 -1.87 -20.07 20.68
N LEU A 217 -1.35 -21.28 20.50
N LEU A 217 -1.33 -21.28 20.51
CA LEU A 217 -0.10 -21.71 21.14
CA LEU A 217 -0.10 -21.68 21.20
C LEU A 217 1.04 -20.75 20.85
C LEU A 217 1.06 -20.74 20.85
N ALA A 218 1.25 -20.45 19.56
CA ALA A 218 2.29 -19.54 19.14
C ALA A 218 2.15 -18.18 19.81
N MET A 219 0.94 -17.65 19.85
CA MET A 219 0.69 -16.38 20.54
C MET A 219 1.19 -16.43 21.98
N SER A 220 0.89 -17.52 22.67
CA SER A 220 1.25 -17.63 24.08
C SER A 220 2.73 -18.01 24.26
N ALA A 221 3.16 -19.05 23.58
CA ALA A 221 4.45 -19.67 23.90
C ALA A 221 5.64 -18.97 23.26
N ILE A 222 5.44 -18.40 22.09
CA ILE A 222 6.55 -17.80 21.35
C ILE A 222 6.52 -16.27 21.49
N VAL A 223 5.38 -15.69 21.12
CA VAL A 223 5.19 -14.24 21.25
C VAL A 223 5.15 -13.84 22.71
N GLY A 224 4.17 -14.35 23.46
CA GLY A 224 4.14 -14.17 24.90
C GLY A 224 5.45 -14.55 25.57
N GLY A 225 6.06 -15.64 25.11
CA GLY A 225 7.33 -16.09 25.65
C GLY A 225 8.42 -15.03 25.58
N ALA A 226 8.54 -14.37 24.43
CA ALA A 226 9.62 -13.41 24.24
C ALA A 226 9.30 -12.03 24.82
N LEU A 227 8.03 -11.81 25.15
CA LEU A 227 7.61 -10.56 25.78
C LEU A 227 7.91 -10.49 27.29
N GLY A 228 8.27 -11.63 27.89
CA GLY A 228 8.62 -11.63 29.30
C GLY A 228 7.52 -11.01 30.16
N GLU A 229 7.91 -10.21 31.14
CA GLU A 229 6.92 -9.58 32.04
C GLU A 229 5.88 -8.68 31.36
N GLU A 230 6.14 -8.29 30.12
CA GLU A 230 5.25 -7.40 29.39
C GLU A 230 4.17 -8.16 28.62
N ALA A 231 4.22 -9.49 28.70
CA ALA A 231 3.32 -10.36 27.94
C ALA A 231 1.83 -10.06 28.14
N GLY A 232 1.40 -10.06 29.40
CA GLY A 232 0.01 -9.74 29.73
C GLY A 232 -0.47 -8.43 29.11
N ALA A 233 0.17 -7.32 29.48
CA ALA A 233 -0.17 -5.99 28.95
C ALA A 233 -0.31 -5.93 27.41
N GLN A 234 0.71 -6.40 26.68
CA GLN A 234 0.63 -6.43 25.21
C GLN A 234 -0.54 -7.27 24.66
N ILE A 235 -0.77 -8.43 25.28
CA ILE A 235 -1.87 -9.31 24.89
C ILE A 235 -3.27 -8.74 25.25
N GLN A 236 -3.36 -8.04 26.38
CA GLN A 236 -4.61 -7.36 26.73
C GLN A 236 -4.92 -6.22 25.75
N LEU A 237 -3.88 -5.48 25.38
CA LEU A 237 -4.01 -4.37 24.45
C LEU A 237 -4.43 -4.87 23.07
N LEU A 238 -3.85 -5.99 22.66
CA LEU A 238 -4.16 -6.61 21.37
C LEU A 238 -5.62 -7.08 21.33
N GLU A 239 -6.04 -7.74 22.40
CA GLU A 239 -7.42 -8.25 22.55
C GLU A 239 -8.52 -7.19 22.44
N GLU A 240 -8.26 -5.99 22.96
CA GLU A 240 -9.26 -4.92 23.03
C GLU A 240 -9.05 -3.83 21.96
N GLY A 241 -7.80 -3.46 21.74
CA GLY A 241 -7.48 -2.46 20.74
C GLY A 241 -7.80 -2.91 19.32
N TRP A 242 -7.66 -4.20 19.06
CA TRP A 242 -7.99 -4.71 17.73
C TRP A 242 -9.51 -4.69 17.58
N ASP A 243 -10.21 -4.96 18.67
CA ASP A 243 -11.67 -4.96 18.66
C ASP A 243 -12.25 -3.55 18.44
N GLN A 244 -11.62 -2.55 19.04
CA GLN A 244 -12.10 -1.17 18.88
C GLN A 244 -11.89 -0.70 17.43
N ARG A 245 -10.74 -1.02 16.85
CA ARG A 245 -10.43 -0.57 15.48
C ARG A 245 -11.28 -1.24 14.43
N ALA A 246 -11.73 -2.45 14.71
CA ALA A 246 -12.44 -3.22 13.69
C ALA A 246 -13.90 -2.82 13.69
N PRO A 247 -14.37 -2.24 12.56
CA PRO A 247 -15.75 -1.77 12.48
C PRO A 247 -16.79 -2.83 12.88
N ILE A 248 -16.53 -4.09 12.57
CA ILE A 248 -17.48 -5.15 12.93
C ILE A 248 -17.08 -5.87 14.22
N GLY A 249 -16.07 -5.36 14.91
CA GLY A 249 -15.58 -6.00 16.11
C GLY A 249 -14.64 -7.16 15.84
N TRP A 250 -13.87 -7.53 16.84
CA TRP A 250 -12.95 -8.63 16.73
C TRP A 250 -12.92 -9.46 18.01
N ASN A 251 -13.07 -10.77 17.86
CA ASN A 251 -13.04 -11.68 18.99
C ASN A 251 -11.81 -12.58 18.89
N MET A 252 -10.79 -12.24 19.66
CA MET A 252 -9.52 -12.94 19.60
C MET A 252 -9.61 -14.41 20.03
N LYS A 253 -10.76 -14.82 20.57
CA LYS A 253 -10.94 -16.19 21.07
C LYS A 253 -11.75 -17.09 20.13
N ASP A 254 -12.12 -16.57 18.97
CA ASP A 254 -12.89 -17.33 18.00
C ASP A 254 -12.13 -17.37 16.67
N ALA A 255 -11.70 -18.57 16.28
CA ALA A 255 -10.94 -18.73 15.05
C ALA A 255 -11.88 -18.95 13.85
N THR A 256 -13.16 -19.09 14.14
CA THR A 256 -14.16 -19.40 13.11
C THR A 256 -14.22 -18.45 11.89
N PRO A 257 -14.26 -17.13 12.10
CA PRO A 257 -14.30 -16.26 10.92
C PRO A 257 -13.05 -16.39 10.03
N VAL A 258 -11.89 -16.51 10.67
CA VAL A 258 -10.66 -16.71 9.92
C VAL A 258 -10.73 -18.01 9.14
N ALA A 259 -11.14 -19.07 9.84
CA ALA A 259 -11.32 -20.38 9.21
C ALA A 259 -12.32 -20.33 8.06
N LYS A 260 -13.42 -19.60 8.26
CA LYS A 260 -14.40 -19.46 7.20
C LYS A 260 -13.82 -18.75 5.96
N THR A 261 -12.95 -17.78 6.22
CA THR A 261 -12.33 -17.00 5.14
C THR A 261 -11.43 -17.89 4.30
N VAL A 262 -10.69 -18.76 4.97
CA VAL A 262 -9.77 -19.68 4.32
C VAL A 262 -10.57 -20.64 3.44
N CYS A 263 -11.68 -21.15 3.98
CA CYS A 263 -12.55 -22.02 3.21
C CYS A 263 -13.11 -21.32 1.98
N ALA A 264 -13.43 -20.04 2.12
CA ALA A 264 -13.95 -19.25 1.01
C ALA A 264 -12.97 -19.22 -0.15
N LEU A 265 -11.69 -19.20 0.18
CA LEU A 265 -10.64 -19.19 -0.83
C LEU A 265 -10.41 -20.58 -1.42
N LEU A 266 -10.76 -21.61 -0.65
CA LEU A 266 -10.63 -22.99 -1.11
C LEU A 266 -11.82 -23.37 -1.96
N SER A 267 -12.88 -22.59 -1.86
CA SER A 267 -14.09 -22.85 -2.63
C SER A 267 -13.91 -22.35 -4.05
N ASP A 268 -14.93 -22.52 -4.87
CA ASP A 268 -14.89 -22.00 -6.23
C ASP A 268 -15.54 -20.62 -6.32
N TRP A 269 -15.71 -19.95 -5.19
CA TRP A 269 -16.42 -18.66 -5.20
C TRP A 269 -15.50 -17.44 -5.29
N LEU A 270 -14.20 -17.69 -5.37
CA LEU A 270 -13.23 -16.64 -5.61
C LEU A 270 -12.28 -16.97 -6.76
N PRO A 271 -12.86 -17.19 -7.96
CA PRO A 271 -12.17 -17.77 -9.11
C PRO A 271 -11.22 -16.83 -9.85
N ALA A 272 -11.14 -15.58 -9.42
CA ALA A 272 -10.38 -14.57 -10.16
C ALA A 272 -9.36 -13.83 -9.29
N THR A 273 -9.05 -14.44 -8.15
CA THR A 273 -8.21 -13.80 -7.15
C THR A 273 -6.98 -14.68 -6.92
N THR A 274 -5.79 -14.13 -7.17
CA THR A 274 -4.57 -14.90 -7.00
C THR A 274 -3.36 -14.00 -6.79
N GLY A 275 -2.36 -14.52 -6.08
CA GLY A 275 -1.22 -13.73 -5.64
C GLY A 275 -1.60 -12.62 -4.69
N ASP A 276 -2.77 -12.76 -4.07
CA ASP A 276 -3.38 -11.66 -3.35
C ASP A 276 -3.44 -11.91 -1.85
N ILE A 277 -3.94 -10.94 -1.12
CA ILE A 277 -4.10 -11.08 0.33
C ILE A 277 -5.51 -10.71 0.67
N ILE A 278 -6.19 -11.59 1.40
CA ILE A 278 -7.52 -11.29 1.91
C ILE A 278 -7.42 -11.10 3.42
N TYR A 279 -8.00 -9.99 3.90
CA TYR A 279 -7.87 -9.63 5.30
C TYR A 279 -9.06 -10.10 6.10
N ALA A 280 -8.84 -11.08 6.97
CA ALA A 280 -9.86 -11.52 7.92
C ALA A 280 -9.49 -10.98 9.30
N ASP A 281 -9.68 -9.67 9.48
CA ASP A 281 -9.13 -8.99 10.63
C ASP A 281 -10.13 -8.04 11.29
N GLY A 282 -11.40 -8.20 10.96
CA GLY A 282 -12.44 -7.31 11.44
C GLY A 282 -12.48 -6.00 10.68
N GLY A 283 -11.65 -5.88 9.66
CA GLY A 283 -11.57 -4.64 8.91
C GLY A 283 -10.65 -3.64 9.57
N ALA A 284 -9.92 -4.09 10.58
CA ALA A 284 -9.07 -3.18 11.37
C ALA A 284 -7.98 -2.45 10.56
N HIS A 285 -7.40 -3.11 9.56
CA HIS A 285 -6.27 -2.55 8.82
C HIS A 285 -6.71 -1.42 7.90
N THR A 286 -8.01 -1.19 7.82
CA THR A 286 -8.53 -0.12 6.98
C THR A 286 -8.88 1.11 7.83
N GLN A 287 -8.58 1.02 9.12
CA GLN A 287 -8.99 2.06 10.04
C GLN A 287 -7.76 2.52 10.80
N LEU A 288 -7.68 3.82 11.04
CA LEU A 288 -6.49 4.35 11.68
C LEU A 288 -6.71 4.47 13.18
N LEU A 289 -7.95 4.80 13.56
CA LEU A 289 -8.35 4.83 14.96
C LEU A 289 -9.77 4.30 15.06
N GLY B 23 21.99 28.44 -0.28
CA GLY B 23 20.61 28.68 -0.68
C GLY B 23 20.05 27.56 -1.54
N LEU B 24 19.23 26.71 -0.93
CA LEU B 24 18.68 25.52 -1.61
C LEU B 24 17.82 25.88 -2.82
N LEU B 25 17.18 27.06 -2.77
CA LEU B 25 16.30 27.48 -3.85
C LEU B 25 16.76 28.76 -4.55
N ASP B 26 18.07 28.98 -4.62
CA ASP B 26 18.61 30.21 -5.21
C ASP B 26 18.20 30.42 -6.65
N GLY B 27 17.54 31.54 -6.93
CA GLY B 27 17.19 31.91 -8.30
C GLY B 27 15.98 31.21 -8.86
N LYS B 28 15.28 30.44 -8.02
CA LYS B 28 14.00 29.86 -8.44
C LYS B 28 12.84 30.83 -8.16
N ARG B 29 11.90 30.87 -9.10
CA ARG B 29 10.71 31.69 -8.96
C ARG B 29 9.56 30.74 -8.67
N ILE B 30 8.88 30.97 -7.54
CA ILE B 30 7.94 29.98 -6.99
C ILE B 30 6.64 30.60 -6.48
N LEU B 31 5.53 30.07 -6.94
CA LEU B 31 4.23 30.52 -6.48
C LEU B 31 3.82 29.70 -5.26
N VAL B 32 3.50 30.39 -4.17
CA VAL B 32 3.02 29.72 -2.96
C VAL B 32 1.61 30.19 -2.61
N SER B 33 0.65 29.29 -2.73
CA SER B 33 -0.73 29.58 -2.37
C SER B 33 -0.97 29.16 -0.92
N GLY B 34 -2.13 29.53 -0.39
CA GLY B 34 -2.58 28.95 0.88
C GLY B 34 -2.26 29.64 2.19
N ILE B 35 -1.70 30.83 2.17
CA ILE B 35 -1.46 31.56 3.40
C ILE B 35 -2.75 32.25 3.86
N ILE B 36 -3.14 32.02 5.11
CA ILE B 36 -4.29 32.70 5.70
C ILE B 36 -3.94 33.28 7.08
N THR B 37 -3.08 32.60 7.84
CA THR B 37 -2.47 33.18 9.06
C THR B 37 -0.99 32.83 9.07
N ASP B 38 -0.25 33.28 10.09
CA ASP B 38 1.18 32.95 10.18
C ASP B 38 1.45 31.58 10.79
N SER B 39 0.39 30.81 11.01
CA SER B 39 0.50 29.39 11.40
C SER B 39 0.25 28.49 10.19
N SER B 40 -0.20 29.10 9.09
CA SER B 40 -0.42 28.37 7.86
C SER B 40 0.83 27.63 7.42
N ILE B 41 0.66 26.35 7.06
CA ILE B 41 1.74 25.58 6.49
C ILE B 41 2.35 26.36 5.32
N ALA B 42 1.50 26.96 4.50
CA ALA B 42 1.99 27.77 3.38
C ALA B 42 2.84 28.96 3.81
N PHE B 43 2.56 29.49 4.99
CA PHE B 43 3.32 30.64 5.50
C PHE B 43 4.75 30.17 5.79
N HIS B 44 4.85 28.99 6.39
CA HIS B 44 6.17 28.44 6.71
C HIS B 44 6.91 27.94 5.46
N ILE B 45 6.18 27.40 4.50
CA ILE B 45 6.78 27.04 3.20
C ILE B 45 7.40 28.31 2.59
N ALA B 46 6.64 29.40 2.63
CA ALA B 46 7.09 30.70 2.08
C ALA B 46 8.36 31.21 2.75
N ARG B 47 8.32 31.28 4.08
CA ARG B 47 9.45 31.74 4.90
C ARG B 47 10.71 30.94 4.57
N VAL B 48 10.60 29.63 4.63
CA VAL B 48 11.74 28.76 4.42
C VAL B 48 12.28 28.92 3.01
N ALA B 49 11.39 28.90 2.02
CA ALA B 49 11.79 29.09 0.63
C ALA B 49 12.54 30.40 0.42
N GLN B 50 12.08 31.48 1.05
CA GLN B 50 12.77 32.77 0.96
C GLN B 50 14.14 32.75 1.63
N GLU B 51 14.19 32.20 2.85
CA GLU B 51 15.45 31.96 3.56
C GLU B 51 16.45 31.19 2.69
N GLN B 52 15.93 30.41 1.75
CA GLN B 52 16.78 29.56 0.92
C GLN B 52 16.97 30.14 -0.46
N GLY B 53 16.62 31.42 -0.61
CA GLY B 53 16.98 32.20 -1.77
C GLY B 53 15.93 32.30 -2.86
N ALA B 54 14.78 31.66 -2.65
CA ALA B 54 13.71 31.70 -3.64
C ALA B 54 13.09 33.10 -3.73
N GLN B 55 12.46 33.38 -4.87
CA GLN B 55 11.68 34.60 -5.08
C GLN B 55 10.24 34.18 -5.29
N LEU B 56 9.33 34.72 -4.49
CA LEU B 56 7.96 34.23 -4.48
C LEU B 56 6.91 35.12 -5.11
N VAL B 57 5.85 34.48 -5.60
CA VAL B 57 4.57 35.10 -5.87
C VAL B 57 3.61 34.36 -4.94
N LEU B 58 2.82 35.11 -4.19
CA LEU B 58 1.87 34.52 -3.25
C LEU B 58 0.44 34.72 -3.74
N THR B 59 -0.44 33.78 -3.43
CA THR B 59 -1.86 33.97 -3.74
C THR B 59 -2.76 33.68 -2.54
N GLY B 60 -3.56 34.67 -2.17
CA GLY B 60 -4.50 34.51 -1.07
C GLY B 60 -5.94 34.44 -1.55
N PHE B 61 -6.81 34.00 -0.65
CA PHE B 61 -8.23 33.89 -0.95
C PHE B 61 -9.08 34.68 0.03
N ASP B 62 -9.93 35.54 -0.54
CA ASP B 62 -10.98 36.24 0.18
C ASP B 62 -10.51 37.38 1.09
N ARG B 63 -9.65 37.08 2.06
CA ARG B 63 -9.28 38.07 3.06
C ARG B 63 -7.94 38.72 2.74
N LEU B 64 -7.87 39.41 1.59
CA LEU B 64 -6.61 39.90 1.03
C LEU B 64 -5.90 40.97 1.86
N ARG B 65 -6.67 41.90 2.43
CA ARG B 65 -6.09 42.92 3.30
C ARG B 65 -5.37 42.28 4.49
N LEU B 66 -6.05 41.38 5.18
CA LEU B 66 -5.41 40.69 6.31
C LEU B 66 -4.24 39.79 5.88
N ILE B 67 -4.37 39.08 4.77
CA ILE B 67 -3.28 38.26 4.25
C ILE B 67 -2.06 39.13 3.92
N GLN B 68 -2.30 40.33 3.40
CA GLN B 68 -1.20 41.24 3.07
C GLN B 68 -0.38 41.57 4.32
N ARG B 69 -1.09 41.90 5.40
CA ARG B 69 -0.44 42.22 6.67
C ARG B 69 0.36 41.04 7.19
N ILE B 70 -0.18 39.85 7.04
CA ILE B 70 0.55 38.63 7.39
C ILE B 70 1.75 38.40 6.48
N THR B 71 1.57 38.57 5.17
CA THR B 71 2.67 38.32 4.24
C THR B 71 3.78 39.36 4.36
N ASP B 72 3.47 40.49 4.98
CA ASP B 72 4.46 41.56 5.20
C ASP B 72 5.49 41.15 6.24
N ARG B 73 5.17 40.12 7.02
CA ARG B 73 6.03 39.64 8.10
C ARG B 73 6.99 38.51 7.69
N LEU B 74 6.93 38.07 6.44
CA LEU B 74 7.88 37.13 5.87
C LEU B 74 9.24 37.81 5.72
N PRO B 75 10.33 37.03 5.58
CA PRO B 75 11.67 37.63 5.51
C PRO B 75 11.83 38.66 4.41
N ALA B 76 11.16 38.46 3.28
CA ALA B 76 11.25 39.38 2.13
C ALA B 76 9.89 39.71 1.53
N LYS B 77 9.83 40.83 0.83
CA LYS B 77 8.61 41.23 0.16
C LYS B 77 8.28 40.35 -1.03
N ALA B 78 7.01 40.25 -1.36
CA ALA B 78 6.56 39.39 -2.44
C ALA B 78 5.21 39.87 -2.95
N PRO B 79 5.04 39.89 -4.28
CA PRO B 79 3.74 40.33 -4.79
C PRO B 79 2.68 39.34 -4.37
N LEU B 80 1.51 39.84 -3.99
CA LEU B 80 0.42 38.99 -3.61
C LEU B 80 -0.71 39.16 -4.61
N LEU B 81 -1.22 38.05 -5.12
CA LEU B 81 -2.32 38.07 -6.07
C LEU B 81 -3.50 37.33 -5.47
N GLU B 82 -4.71 37.64 -5.94
CA GLU B 82 -5.92 37.01 -5.42
C GLU B 82 -6.28 35.74 -6.20
N LEU B 83 -6.53 34.65 -5.48
CA LEU B 83 -6.94 33.43 -6.16
C LEU B 83 -8.00 32.63 -5.40
N ASP B 84 -9.25 32.74 -5.89
CA ASP B 84 -10.33 31.85 -5.48
C ASP B 84 -10.39 30.70 -6.49
N VAL B 85 -10.07 29.50 -6.06
CA VAL B 85 -9.95 28.39 -7.00
C VAL B 85 -11.32 27.90 -7.50
N GLN B 86 -12.39 28.42 -6.92
CA GLN B 86 -13.72 28.17 -7.43
C GLN B 86 -14.11 29.21 -8.49
N ASN B 87 -13.35 30.30 -8.56
CA ASN B 87 -13.62 31.35 -9.53
C ASN B 87 -12.91 31.08 -10.85
N GLU B 88 -13.70 30.88 -11.89
CA GLU B 88 -13.18 30.47 -13.18
C GLU B 88 -12.41 31.59 -13.86
N GLU B 89 -12.71 32.83 -13.47
CA GLU B 89 -12.06 34.00 -14.07
C GLU B 89 -10.75 34.29 -13.37
N HIS B 90 -10.66 33.98 -12.08
CA HIS B 90 -9.40 34.10 -11.36
C HIS B 90 -8.38 33.17 -12.00
N LEU B 91 -8.85 31.97 -12.33
CA LEU B 91 -7.99 30.94 -12.91
C LEU B 91 -7.54 31.26 -14.34
N ALA B 92 -8.36 32.00 -15.09
CA ALA B 92 -8.05 32.27 -16.50
C ALA B 92 -6.97 33.35 -16.64
N SER B 93 -6.89 34.19 -15.62
CA SER B 93 -6.01 35.36 -15.64
C SER B 93 -4.75 35.14 -14.81
N LEU B 94 -4.68 33.99 -14.13
CA LEU B 94 -3.59 33.71 -13.19
C LEU B 94 -2.19 33.80 -13.81
N ALA B 95 -1.95 33.03 -14.87
CA ALA B 95 -0.69 33.10 -15.60
C ALA B 95 -0.30 34.54 -15.97
N GLY B 96 -1.20 35.26 -16.62
CA GLY B 96 -0.94 36.64 -16.98
C GLY B 96 -0.61 37.54 -15.80
N ARG B 97 -1.36 37.38 -14.71
CA ARG B 97 -1.10 38.15 -13.48
C ARG B 97 0.25 37.82 -12.86
N VAL B 98 0.53 36.53 -12.75
CA VAL B 98 1.84 36.07 -12.31
C VAL B 98 2.97 36.62 -13.19
N THR B 99 2.86 36.43 -14.51
CA THR B 99 3.88 36.91 -15.44
C THR B 99 4.13 38.40 -15.27
N GLU B 100 3.05 39.15 -15.07
CA GLU B 100 3.16 40.57 -14.80
C GLU B 100 3.94 40.84 -13.51
N ALA B 101 3.75 39.97 -12.50
CA ALA B 101 4.43 40.10 -11.22
C ALA B 101 5.92 39.68 -11.25
N ILE B 102 6.26 38.74 -12.11
CA ILE B 102 7.65 38.27 -12.18
C ILE B 102 8.41 38.88 -13.35
N GLY B 103 7.73 39.74 -14.09
CA GLY B 103 8.34 40.39 -15.25
C GLY B 103 8.14 39.61 -16.53
N ALA B 104 8.10 40.34 -17.65
CA ALA B 104 7.95 39.74 -18.96
C ALA B 104 9.20 38.95 -19.30
N GLY B 105 9.02 37.76 -19.84
CA GLY B 105 10.13 36.91 -20.17
C GLY B 105 10.43 35.84 -19.12
N ASN B 106 9.94 36.04 -17.90
CA ASN B 106 10.23 35.13 -16.79
C ASN B 106 9.17 34.07 -16.55
N LYS B 107 9.62 32.83 -16.27
CA LYS B 107 8.71 31.72 -15.98
C LYS B 107 8.88 31.13 -14.57
N LEU B 108 7.86 30.41 -14.11
CA LEU B 108 7.84 29.79 -12.79
C LEU B 108 8.65 28.50 -12.76
N ASP B 109 9.30 28.23 -11.64
CA ASP B 109 9.96 26.94 -11.45
C ASP B 109 9.20 26.09 -10.45
N GLY B 110 8.34 26.73 -9.67
CA GLY B 110 7.67 26.03 -8.58
C GLY B 110 6.28 26.55 -8.31
N VAL B 111 5.41 25.63 -7.93
CA VAL B 111 4.05 25.98 -7.57
C VAL B 111 3.66 25.19 -6.34
N VAL B 112 3.37 25.88 -5.24
CA VAL B 112 2.94 25.19 -4.02
C VAL B 112 1.43 25.33 -3.85
N HIS B 113 0.77 24.19 -3.81
CA HIS B 113 -0.66 24.13 -3.56
C HIS B 113 -0.82 23.72 -2.10
N SER B 114 -1.33 24.64 -1.28
CA SER B 114 -1.53 24.38 0.14
C SER B 114 -2.90 24.90 0.55
N ILE B 115 -3.93 24.26 0.01
CA ILE B 115 -5.27 24.82 0.01
C ILE B 115 -6.24 23.72 0.33
N GLY B 116 -7.22 24.00 1.19
CA GLY B 116 -8.27 23.05 1.45
C GLY B 116 -9.50 23.69 2.03
N PHE B 117 -10.63 23.03 1.85
CA PHE B 117 -11.84 23.38 2.57
C PHE B 117 -12.80 22.20 2.59
N MET B 118 -13.59 22.14 3.65
CA MET B 118 -14.73 21.22 3.72
C MET B 118 -15.71 21.81 4.72
N PRO B 119 -16.96 21.98 4.32
CA PRO B 119 -17.99 22.50 5.25
C PRO B 119 -18.10 21.64 6.52
N GLN B 120 -18.54 22.28 7.60
CA GLN B 120 -18.74 21.63 8.90
C GLN B 120 -19.53 20.31 8.86
N THR B 121 -20.56 20.23 8.01
CA THR B 121 -21.33 19.00 7.88
C THR B 121 -20.48 17.79 7.49
N GLY B 122 -19.35 18.03 6.84
CA GLY B 122 -18.51 16.96 6.33
C GLY B 122 -17.34 16.62 7.24
N MET B 123 -17.38 17.13 8.47
CA MET B 123 -16.26 17.01 9.41
C MET B 123 -16.70 16.65 10.83
N GLY B 124 -15.71 16.30 11.65
CA GLY B 124 -15.92 16.17 13.09
C GLY B 124 -16.95 15.14 13.50
N ILE B 125 -17.77 15.47 14.49
CA ILE B 125 -18.80 14.56 14.98
C ILE B 125 -20.12 14.67 14.24
N ASN B 126 -20.15 15.49 13.19
CA ASN B 126 -21.33 15.56 12.36
C ASN B 126 -21.44 14.29 11.55
N PRO B 127 -22.59 13.58 11.63
CA PRO B 127 -22.69 12.21 11.08
C PRO B 127 -22.26 12.14 9.63
N PHE B 128 -21.41 11.18 9.28
CA PHE B 128 -20.90 11.04 7.91
C PHE B 128 -22.01 11.02 6.86
N PHE B 129 -23.14 10.41 7.20
CA PHE B 129 -24.24 10.24 6.26
C PHE B 129 -25.07 11.49 6.09
N ASP B 130 -24.78 12.52 6.87
CA ASP B 130 -25.67 13.67 6.88
C ASP B 130 -25.15 14.83 6.05
N ALA B 131 -23.89 14.73 5.62
CA ALA B 131 -23.29 15.75 4.78
C ALA B 131 -23.95 15.71 3.40
N PRO B 132 -24.67 16.80 3.04
CA PRO B 132 -25.31 16.86 1.72
C PRO B 132 -24.25 16.96 0.62
N TYR B 133 -24.54 16.47 -0.57
CA TYR B 133 -23.50 16.42 -1.61
C TYR B 133 -22.99 17.78 -2.05
N ALA B 134 -23.84 18.81 -1.97
CA ALA B 134 -23.44 20.16 -2.32
C ALA B 134 -22.27 20.60 -1.45
N ASP B 135 -22.29 20.17 -0.19
CA ASP B 135 -21.22 20.46 0.75
C ASP B 135 -19.96 19.67 0.43
N VAL B 136 -20.16 18.38 0.13
CA VAL B 136 -19.05 17.48 -0.21
C VAL B 136 -18.37 17.93 -1.49
N SER B 137 -19.18 18.18 -2.53
CA SER B 137 -18.68 18.59 -3.84
C SER B 137 -17.80 19.84 -3.74
N LYS B 138 -18.28 20.86 -3.03
CA LYS B 138 -17.52 22.09 -2.81
C LYS B 138 -16.17 21.80 -2.17
N GLY B 139 -16.18 21.01 -1.10
CA GLY B 139 -14.97 20.59 -0.43
C GLY B 139 -13.98 19.89 -1.36
N ILE B 140 -14.51 19.08 -2.27
CA ILE B 140 -13.68 18.33 -3.21
C ILE B 140 -13.18 19.21 -4.37
N HIS B 141 -13.99 20.18 -4.75
CA HIS B 141 -13.59 21.19 -5.71
C HIS B 141 -12.35 21.93 -5.21
N ILE B 142 -12.48 22.53 -4.03
CA ILE B 142 -11.41 23.31 -3.44
C ILE B 142 -10.21 22.45 -3.04
N SER B 143 -10.48 21.29 -2.46
CA SER B 143 -9.40 20.48 -1.86
C SER B 143 -8.69 19.54 -2.86
N ALA B 144 -9.34 19.20 -3.97
CA ALA B 144 -8.78 18.21 -4.88
C ALA B 144 -8.74 18.64 -6.35
N TYR B 145 -9.90 18.99 -6.90
CA TYR B 145 -10.00 19.37 -8.30
C TYR B 145 -9.12 20.58 -8.60
N SER B 146 -9.14 21.55 -7.68
CA SER B 146 -8.33 22.75 -7.81
C SER B 146 -6.84 22.46 -7.99
N TYR B 147 -6.39 21.28 -7.58
CA TYR B 147 -4.99 20.94 -7.78
C TYR B 147 -4.70 20.78 -9.26
N ALA B 148 -5.66 20.19 -9.98
CA ALA B 148 -5.58 20.09 -11.43
C ALA B 148 -5.77 21.48 -12.06
N SER B 149 -6.67 22.28 -11.50
CA SER B 149 -6.93 23.65 -11.95
C SER B 149 -5.68 24.53 -11.93
N MET B 150 -4.96 24.49 -10.83
CA MET B 150 -3.77 25.31 -10.70
C MET B 150 -2.72 24.91 -11.73
N ALA B 151 -2.52 23.61 -11.91
CA ALA B 151 -1.51 23.11 -12.82
C ALA B 151 -1.87 23.51 -14.24
N LYS B 152 -3.15 23.40 -14.56
CA LYS B 152 -3.66 23.75 -15.88
C LYS B 152 -3.38 25.21 -16.22
N ALA B 153 -3.49 26.08 -15.21
CA ALA B 153 -3.30 27.51 -15.39
C ALA B 153 -1.81 27.89 -15.34
N LEU B 154 -1.01 27.12 -14.62
CA LEU B 154 0.38 27.54 -14.42
C LEU B 154 1.42 26.74 -15.23
N LEU B 155 1.09 25.54 -15.68
CA LEU B 155 2.01 24.77 -16.53
C LEU B 155 2.43 25.48 -17.83
N PRO B 156 1.50 26.23 -18.49
CA PRO B 156 1.94 27.06 -19.61
C PRO B 156 3.07 28.02 -19.28
N ILE B 157 3.22 28.38 -18.01
CA ILE B 157 4.26 29.33 -17.64
C ILE B 157 5.34 28.72 -16.74
N MET B 158 5.48 27.39 -16.76
CA MET B 158 6.53 26.73 -16.01
C MET B 158 7.76 26.34 -16.85
N ASN B 159 8.94 26.51 -16.26
CA ASN B 159 10.21 26.12 -16.86
C ASN B 159 10.44 24.62 -16.74
N PRO B 160 11.22 24.05 -17.67
CA PRO B 160 11.60 22.64 -17.52
C PRO B 160 12.39 22.43 -16.23
N GLY B 161 12.19 21.29 -15.59
CA GLY B 161 12.87 20.98 -14.33
C GLY B 161 12.11 21.52 -13.14
N GLY B 162 10.89 21.99 -13.40
CA GLY B 162 10.06 22.62 -12.39
C GLY B 162 9.33 21.61 -11.55
N SER B 163 8.59 22.11 -10.56
CA SER B 163 8.00 21.25 -9.54
C SER B 163 6.68 21.79 -9.03
N ILE B 164 5.67 20.94 -9.00
CA ILE B 164 4.37 21.29 -8.45
C ILE B 164 4.16 20.44 -7.21
N VAL B 165 3.87 21.10 -6.08
CA VAL B 165 3.69 20.38 -4.81
C VAL B 165 2.35 20.71 -4.14
N GLY B 166 1.68 19.68 -3.64
CA GLY B 166 0.43 19.85 -2.92
C GLY B 166 0.47 19.21 -1.53
N MET B 167 -0.37 19.70 -0.63
CA MET B 167 -0.39 19.20 0.74
C MET B 167 -1.44 18.11 0.94
N ASP B 168 -1.01 16.99 1.51
CA ASP B 168 -1.86 15.81 1.66
C ASP B 168 -1.96 15.44 3.15
N PHE B 169 -2.96 14.65 3.51
CA PHE B 169 -3.02 14.02 4.84
C PHE B 169 -3.43 12.59 4.58
N ASP B 170 -2.54 11.66 4.89
CA ASP B 170 -2.70 10.25 4.50
C ASP B 170 -4.12 9.74 4.77
N PRO B 171 -4.87 9.45 3.69
CA PRO B 171 -6.28 9.03 3.69
C PRO B 171 -6.42 7.54 3.32
N SER B 172 -5.34 6.77 3.36
CA SER B 172 -5.44 5.37 2.96
C SER B 172 -6.18 4.53 4.02
N ARG B 173 -6.31 5.07 5.22
CA ARG B 173 -7.19 4.48 6.23
C ARG B 173 -8.19 5.52 6.74
N ALA B 174 -9.41 5.11 7.03
CA ALA B 174 -10.41 6.02 7.57
C ALA B 174 -10.13 6.33 9.04
N MET B 175 -10.71 7.41 9.53
CA MET B 175 -10.44 7.85 10.89
C MET B 175 -11.60 8.70 11.37
N PRO B 176 -11.67 8.94 12.68
CA PRO B 176 -12.72 9.85 13.15
C PRO B 176 -12.43 11.28 12.71
N ALA B 177 -13.46 12.11 12.66
CA ALA B 177 -13.34 13.54 12.48
C ALA B 177 -12.97 13.95 11.07
N TYR B 178 -11.93 13.34 10.49
CA TYR B 178 -11.49 13.79 9.16
C TYR B 178 -12.57 13.51 8.12
N ASN B 179 -13.42 12.51 8.38
CA ASN B 179 -14.62 12.23 7.58
C ASN B 179 -14.47 12.45 6.07
N TRP B 180 -15.25 13.36 5.50
CA TRP B 180 -15.25 13.59 4.06
C TRP B 180 -13.98 14.24 3.53
N MET B 181 -13.28 14.97 4.39
CA MET B 181 -12.01 15.53 3.94
C MET B 181 -11.05 14.39 3.58
N THR B 182 -11.18 13.26 4.26
CA THR B 182 -10.44 12.04 3.92
C THR B 182 -10.76 11.62 2.48
N VAL B 183 -12.04 11.63 2.13
CA VAL B 183 -12.46 11.27 0.78
C VAL B 183 -11.88 12.21 -0.27
N ALA B 184 -11.82 13.50 0.07
CA ALA B 184 -11.26 14.52 -0.81
C ALA B 184 -9.76 14.37 -0.97
N LYS B 185 -9.08 13.93 0.10
CA LYS B 185 -7.65 13.71 0.03
C LYS B 185 -7.33 12.49 -0.85
N SER B 186 -8.20 11.49 -0.81
CA SER B 186 -8.00 10.31 -1.66
C SER B 186 -8.12 10.71 -3.12
N ALA B 187 -9.14 11.50 -3.43
CA ALA B 187 -9.28 12.08 -4.75
C ALA B 187 -8.03 12.86 -5.15
N LEU B 188 -7.47 13.61 -4.20
CA LEU B 188 -6.31 14.48 -4.46
C LEU B 188 -5.10 13.67 -4.94
N GLU B 189 -4.82 12.56 -4.26
CA GLU B 189 -3.73 11.67 -4.65
C GLU B 189 -3.90 11.15 -6.06
N SER B 190 -5.14 10.81 -6.39
CA SER B 190 -5.44 10.33 -7.71
C SER B 190 -5.22 11.46 -8.72
N VAL B 191 -5.75 12.64 -8.40
CA VAL B 191 -5.57 13.80 -9.27
C VAL B 191 -4.08 14.11 -9.45
N ASN B 192 -3.32 14.03 -8.37
CA ASN B 192 -1.87 14.17 -8.42
C ASN B 192 -1.19 13.26 -9.46
N ARG B 193 -1.56 11.99 -9.50
CA ARG B 193 -0.95 11.07 -10.48
C ARG B 193 -1.25 11.48 -11.93
N PHE B 194 -2.44 12.03 -12.18
CA PHE B 194 -2.79 12.49 -13.53
C PHE B 194 -2.17 13.81 -13.90
N VAL B 195 -1.96 14.66 -12.90
CA VAL B 195 -1.26 15.90 -13.14
C VAL B 195 0.20 15.59 -13.46
N ALA B 196 0.73 14.55 -12.83
CA ALA B 196 2.08 14.07 -13.14
C ALA B 196 2.25 13.79 -14.63
N ARG B 197 1.34 13.03 -15.21
CA ARG B 197 1.35 12.73 -16.65
C ARG B 197 1.36 14.01 -17.46
N GLU B 198 0.40 14.88 -17.17
CA GLU B 198 0.28 16.13 -17.90
C GLU B 198 1.51 16.99 -17.69
N ALA B 199 2.00 17.06 -16.45
CA ALA B 199 3.14 17.93 -16.15
C ALA B 199 4.44 17.42 -16.80
N GLY B 200 4.47 16.12 -17.08
CA GLY B 200 5.63 15.49 -17.67
C GLY B 200 5.99 16.01 -19.04
N LYS B 201 4.99 16.50 -19.77
CA LYS B 201 5.18 17.04 -21.12
C LYS B 201 5.98 18.34 -21.08
N TYR B 202 6.08 18.93 -19.89
CA TYR B 202 6.79 20.18 -19.66
C TYR B 202 8.11 19.98 -18.94
N GLY B 203 8.49 18.73 -18.71
CA GLY B 203 9.64 18.43 -17.89
C GLY B 203 9.42 18.89 -16.46
N VAL B 204 8.17 18.82 -16.00
CA VAL B 204 7.81 19.29 -14.66
C VAL B 204 7.33 18.12 -13.78
N ARG B 205 7.78 18.11 -12.52
CA ARG B 205 7.34 17.11 -11.55
C ARG B 205 6.11 17.56 -10.78
N SER B 206 5.33 16.58 -10.31
CA SER B 206 4.14 16.82 -9.51
C SER B 206 4.08 15.84 -8.34
N ASN B 207 4.21 16.33 -7.12
CA ASN B 207 4.16 15.48 -5.93
C ASN B 207 3.33 16.06 -4.80
N LEU B 208 2.87 15.19 -3.88
CA LEU B 208 2.26 15.64 -2.65
C LEU B 208 3.17 15.42 -1.45
N VAL B 209 3.06 16.30 -0.47
CA VAL B 209 3.64 16.06 0.84
C VAL B 209 2.50 15.78 1.81
N ALA B 210 2.44 14.55 2.31
CA ALA B 210 1.48 14.20 3.35
C ALA B 210 2.15 14.51 4.67
N ALA B 211 1.59 15.48 5.38
CA ALA B 211 2.10 15.92 6.67
C ALA B 211 1.29 15.32 7.81
N GLY B 212 1.93 15.17 8.97
CA GLY B 212 1.21 14.87 10.20
C GLY B 212 0.51 16.11 10.74
N PRO B 213 -0.30 15.96 11.80
CA PRO B 213 -1.15 17.05 12.29
C PRO B 213 -0.36 18.27 12.74
N ILE B 214 -0.82 19.46 12.36
CA ILE B 214 -0.15 20.71 12.67
C ILE B 214 -1.25 21.71 13.06
N ARG B 215 -1.02 22.45 14.13
CA ARG B 215 -1.99 23.45 14.58
C ARG B 215 -2.04 24.69 13.67
N THR B 216 -3.02 24.70 12.76
CA THR B 216 -3.25 25.79 11.83
C THR B 216 -4.67 26.30 12.02
N LEU B 217 -5.06 27.35 11.30
CA LEU B 217 -6.44 27.87 11.34
C LEU B 217 -7.44 26.77 10.99
N ALA B 218 -7.12 25.99 9.95
CA ALA B 218 -7.95 24.85 9.54
C ALA B 218 -8.17 23.90 10.72
N MET B 219 -7.08 23.55 11.37
CA MET B 219 -7.13 22.68 12.54
C MET B 219 -8.06 23.27 13.60
N SER B 220 -7.87 24.53 13.95
CA SER B 220 -8.71 25.19 14.94
C SER B 220 -10.17 25.38 14.48
N ALA B 221 -10.33 26.07 13.34
CA ALA B 221 -11.65 26.52 12.92
C ALA B 221 -12.50 25.42 12.30
N ILE B 222 -11.89 24.58 11.45
CA ILE B 222 -12.64 23.56 10.74
C ILE B 222 -12.70 22.23 11.50
N VAL B 223 -11.54 21.72 11.95
CA VAL B 223 -11.49 20.42 12.61
C VAL B 223 -12.04 20.47 14.06
N GLY B 224 -11.40 21.27 14.91
CA GLY B 224 -11.88 21.46 16.28
C GLY B 224 -13.32 21.96 16.37
N GLY B 225 -13.69 22.92 15.53
CA GLY B 225 -15.04 23.43 15.52
C GLY B 225 -16.10 22.42 15.12
N ALA B 226 -15.68 21.37 14.42
CA ALA B 226 -16.60 20.32 14.01
C ALA B 226 -16.65 19.20 15.04
N LEU B 227 -15.63 19.14 15.88
CA LEU B 227 -15.51 18.10 16.88
C LEU B 227 -16.31 18.44 18.13
N GLY B 228 -16.53 19.73 18.36
CA GLY B 228 -17.34 20.21 19.47
C GLY B 228 -16.83 19.80 20.85
N GLU B 229 -17.73 19.25 21.66
CA GLU B 229 -17.36 18.78 23.00
C GLU B 229 -16.35 17.61 23.00
N GLU B 230 -16.22 16.93 21.87
CA GLU B 230 -15.28 15.81 21.80
C GLU B 230 -13.89 16.23 21.33
N ALA B 231 -13.69 17.52 21.11
CA ALA B 231 -12.48 18.04 20.49
C ALA B 231 -11.23 17.81 21.35
N GLY B 232 -11.33 18.13 22.63
CA GLY B 232 -10.17 18.02 23.51
C GLY B 232 -9.62 16.61 23.57
N ALA B 233 -10.50 15.65 23.81
CA ALA B 233 -10.09 14.26 23.94
C ALA B 233 -9.59 13.74 22.61
N GLN B 234 -10.39 13.96 21.57
CA GLN B 234 -10.10 13.48 20.24
C GLN B 234 -8.73 13.98 19.78
N ILE B 235 -8.45 15.26 20.02
CA ILE B 235 -7.19 15.85 19.58
C ILE B 235 -5.99 15.40 20.41
N GLN B 236 -6.15 15.37 21.74
CA GLN B 236 -5.06 14.92 22.60
C GLN B 236 -4.65 13.47 22.26
N LEU B 237 -5.61 12.64 21.90
CA LEU B 237 -5.27 11.28 21.50
C LEU B 237 -4.70 11.27 20.10
N LEU B 238 -5.08 12.27 19.29
CA LEU B 238 -4.45 12.40 17.98
C LEU B 238 -2.98 12.73 18.21
N GLU B 239 -2.72 13.79 18.98
CA GLU B 239 -1.34 14.21 19.25
C GLU B 239 -0.47 13.15 19.93
N GLU B 240 -0.97 12.55 21.02
CA GLU B 240 -0.22 11.57 21.79
C GLU B 240 0.12 10.36 20.94
N GLY B 241 -0.87 9.88 20.19
CA GLY B 241 -0.69 8.71 19.35
C GLY B 241 0.24 8.96 18.18
N TRP B 242 0.21 10.17 17.62
CA TRP B 242 1.11 10.51 16.54
C TRP B 242 2.54 10.60 17.04
N ASP B 243 2.76 11.28 18.16
CA ASP B 243 4.10 11.37 18.71
C ASP B 243 4.67 9.98 19.07
N GLN B 244 3.83 9.14 19.65
CA GLN B 244 4.25 7.78 20.03
C GLN B 244 4.60 6.89 18.82
N ARG B 245 3.77 6.92 17.78
CA ARG B 245 3.99 6.12 16.59
C ARG B 245 5.21 6.58 15.82
N ALA B 246 5.37 7.90 15.69
CA ALA B 246 6.50 8.48 14.98
C ALA B 246 7.81 8.09 15.65
N PRO B 247 8.66 7.32 14.94
CA PRO B 247 9.90 6.89 15.57
C PRO B 247 10.80 8.05 15.98
N ILE B 248 10.72 9.18 15.27
CA ILE B 248 11.49 10.36 15.66
C ILE B 248 10.60 11.43 16.30
N GLY B 249 9.41 11.04 16.72
CA GLY B 249 8.51 11.93 17.44
C GLY B 249 7.81 12.90 16.51
N TRP B 250 6.85 13.63 17.05
CA TRP B 250 6.10 14.60 16.27
C TRP B 250 5.59 15.73 17.15
N ASN B 251 5.82 16.95 16.68
CA ASN B 251 5.40 18.16 17.40
C ASN B 251 4.39 18.94 16.57
N MET B 252 3.13 18.89 16.99
CA MET B 252 2.03 19.59 16.29
C MET B 252 2.23 21.10 16.21
N LYS B 253 3.00 21.66 17.13
CA LYS B 253 3.20 23.11 17.14
C LYS B 253 4.19 23.58 16.07
N ASP B 254 5.04 22.66 15.57
CA ASP B 254 6.15 23.01 14.69
C ASP B 254 5.89 22.68 13.22
N ALA B 255 5.77 23.69 12.38
CA ALA B 255 5.50 23.45 10.95
C ALA B 255 6.76 23.35 10.10
N THR B 256 7.89 23.77 10.67
CA THR B 256 9.15 23.82 9.94
C THR B 256 9.59 22.52 9.25
N PRO B 257 9.54 21.38 9.96
CA PRO B 257 9.93 20.14 9.28
C PRO B 257 9.13 19.85 8.00
N VAL B 258 7.88 20.29 7.96
CA VAL B 258 7.04 20.08 6.77
C VAL B 258 7.43 21.11 5.71
N ALA B 259 7.67 22.34 6.15
CA ALA B 259 8.12 23.39 5.25
C ALA B 259 9.42 22.97 4.57
N LYS B 260 10.31 22.37 5.36
CA LYS B 260 11.60 21.88 4.86
C LYS B 260 11.45 20.82 3.77
N THR B 261 10.50 19.91 3.98
CA THR B 261 10.20 18.86 3.04
C THR B 261 9.64 19.41 1.73
N VAL B 262 8.79 20.42 1.82
CA VAL B 262 8.24 20.98 0.60
C VAL B 262 9.35 21.65 -0.21
N CYS B 263 10.28 22.30 0.49
CA CYS B 263 11.40 22.92 -0.20
C CYS B 263 12.32 21.90 -0.85
N ALA B 264 12.40 20.72 -0.24
CA ALA B 264 13.17 19.62 -0.81
C ALA B 264 12.62 19.28 -2.20
N LEU B 265 11.30 19.11 -2.28
CA LEU B 265 10.64 18.77 -3.55
C LEU B 265 10.71 19.89 -4.60
N LEU B 266 10.77 21.14 -4.13
CA LEU B 266 10.85 22.28 -5.03
C LEU B 266 12.25 22.36 -5.60
N SER B 267 13.20 21.81 -4.85
CA SER B 267 14.61 21.87 -5.22
C SER B 267 14.94 20.90 -6.35
N ASP B 268 16.22 20.86 -6.75
CA ASP B 268 16.67 19.96 -7.80
C ASP B 268 17.20 18.65 -7.24
N TRP B 269 16.92 18.39 -5.97
CA TRP B 269 17.51 17.25 -5.27
C TRP B 269 16.64 16.00 -5.24
N LEU B 270 15.45 16.10 -5.82
CA LEU B 270 14.58 14.94 -5.97
C LEU B 270 14.06 14.89 -7.40
N PRO B 271 14.97 14.78 -8.36
CA PRO B 271 14.60 15.06 -9.75
C PRO B 271 13.88 13.87 -10.42
N ALA B 272 13.98 12.69 -9.83
CA ALA B 272 13.41 11.49 -10.43
C ALA B 272 12.12 11.05 -9.73
N THR B 273 11.47 11.97 -9.01
CA THR B 273 10.25 11.64 -8.27
C THR B 273 9.05 12.46 -8.75
N THR B 274 7.96 11.79 -9.10
CA THR B 274 6.77 12.47 -9.60
C THR B 274 5.53 11.58 -9.53
N GLY B 275 4.36 12.20 -9.47
CA GLY B 275 3.11 11.50 -9.23
C GLY B 275 3.11 10.84 -7.87
N ASP B 276 3.98 11.32 -7.00
CA ASP B 276 4.27 10.60 -5.78
C ASP B 276 3.87 11.35 -4.51
N ILE B 277 4.02 10.66 -3.37
CA ILE B 277 3.71 11.24 -2.07
C ILE B 277 4.93 11.12 -1.15
N ILE B 278 5.45 12.25 -0.67
CA ILE B 278 6.47 12.19 0.37
C ILE B 278 5.86 12.45 1.73
N TYR B 279 6.13 11.54 2.67
CA TYR B 279 5.55 11.63 4.01
C TYR B 279 6.43 12.40 4.96
N ALA B 280 5.95 13.56 5.37
CA ALA B 280 6.62 14.35 6.37
C ALA B 280 5.77 14.25 7.64
N ASP B 281 5.86 13.10 8.29
CA ASP B 281 4.95 12.81 9.40
C ASP B 281 5.62 12.15 10.60
N GLY B 282 6.94 12.28 10.71
CA GLY B 282 7.71 11.60 11.74
C GLY B 282 7.80 10.10 11.49
N GLY B 283 7.26 9.64 10.37
CA GLY B 283 7.28 8.23 10.07
C GLY B 283 6.15 7.45 10.73
N ALA B 284 5.13 8.17 11.19
CA ALA B 284 4.01 7.57 11.92
C ALA B 284 3.23 6.57 11.09
N HIS B 285 3.15 6.80 9.78
CA HIS B 285 2.37 5.95 8.88
C HIS B 285 3.11 4.65 8.53
N THR B 286 4.36 4.55 8.98
CA THR B 286 5.14 3.33 8.75
C THR B 286 5.03 2.40 9.97
N GLN B 287 4.36 2.89 11.01
CA GLN B 287 4.27 2.18 12.29
C GLN B 287 2.82 1.90 12.67
N LEU B 288 2.54 0.70 13.16
CA LEU B 288 1.19 0.35 13.61
C LEU B 288 0.95 0.83 15.05
N LEU B 289 1.95 0.61 15.91
CA LEU B 289 2.02 1.36 17.16
C LEU B 289 3.49 1.60 17.45
N THR C 22 27.87 26.82 -0.57
CA THR C 22 27.12 26.12 0.47
C THR C 22 26.68 24.73 0.01
N GLY C 23 27.50 23.73 0.31
CA GLY C 23 27.18 22.36 -0.06
C GLY C 23 26.07 21.75 0.77
N LEU C 24 25.19 21.00 0.10
CA LEU C 24 24.01 20.37 0.73
C LEU C 24 24.37 19.53 1.94
N LEU C 25 25.60 19.04 1.97
CA LEU C 25 26.04 18.05 2.94
C LEU C 25 27.27 18.54 3.70
N ASP C 26 27.49 19.85 3.63
CA ASP C 26 28.63 20.53 4.26
C ASP C 26 28.89 20.09 5.70
N GLY C 27 30.13 19.72 5.99
CA GLY C 27 30.53 19.34 7.33
C GLY C 27 29.89 18.07 7.86
N LYS C 28 29.38 17.23 6.96
CA LYS C 28 28.83 15.94 7.37
C LYS C 28 29.83 14.79 7.15
N ARG C 29 29.86 13.85 8.07
CA ARG C 29 30.71 12.67 7.92
C ARG C 29 29.84 11.46 7.62
N ILE C 30 30.02 10.87 6.45
CA ILE C 30 29.10 9.88 5.92
C ILE C 30 29.78 8.60 5.46
N LEU C 31 29.27 7.46 5.92
CA LEU C 31 29.80 6.16 5.49
C LEU C 31 29.07 5.64 4.26
N VAL C 32 29.83 5.30 3.21
CA VAL C 32 29.24 4.77 1.99
C VAL C 32 29.79 3.38 1.62
N SER C 33 28.89 2.40 1.58
CA SER C 33 29.23 1.04 1.20
C SER C 33 28.77 0.75 -0.23
N GLY C 34 29.33 -0.30 -0.83
CA GLY C 34 28.81 -0.84 -2.06
C GLY C 34 29.44 -0.36 -3.36
N ILE C 35 30.53 0.40 -3.25
CA ILE C 35 31.25 0.75 -4.45
C ILE C 35 32.00 -0.48 -4.91
N ILE C 36 31.67 -0.97 -6.11
CA ILE C 36 32.47 -2.02 -6.74
C ILE C 36 33.02 -1.56 -8.09
N THR C 37 32.27 -0.76 -8.84
CA THR C 37 32.82 -0.10 -10.03
C THR C 37 32.45 1.39 -10.07
N ASP C 38 32.82 2.06 -11.16
CA ASP C 38 32.49 3.46 -11.32
C ASP C 38 31.11 3.57 -11.91
N SER C 39 30.49 2.43 -12.17
CA SER C 39 29.07 2.40 -12.48
C SER C 39 28.18 2.10 -11.26
N SER C 40 28.77 1.74 -10.13
CA SER C 40 28.00 1.46 -8.92
C SER C 40 27.16 2.67 -8.55
N ILE C 41 25.93 2.43 -8.11
CA ILE C 41 25.08 3.50 -7.62
C ILE C 41 25.82 4.21 -6.49
N ALA C 42 26.48 3.41 -5.65
CA ALA C 42 27.28 3.92 -4.55
C ALA C 42 28.40 4.87 -4.99
N PHE C 43 28.99 4.64 -6.16
CA PHE C 43 30.00 5.55 -6.69
C PHE C 43 29.43 6.94 -6.95
N HIS C 44 28.29 6.98 -7.62
CA HIS C 44 27.68 8.27 -7.94
C HIS C 44 27.22 8.97 -6.66
N ILE C 45 26.69 8.19 -5.71
CA ILE C 45 26.33 8.71 -4.39
C ILE C 45 27.51 9.35 -3.69
N ALA C 46 28.62 8.62 -3.61
CA ALA C 46 29.89 9.13 -3.10
C ALA C 46 30.37 10.39 -3.83
N ARG C 47 30.41 10.32 -5.16
CA ARG C 47 30.82 11.48 -5.96
C ARG C 47 29.95 12.71 -5.63
N VAL C 48 28.63 12.58 -5.72
CA VAL C 48 27.74 13.72 -5.44
C VAL C 48 27.84 14.21 -3.99
N ALA C 49 28.02 13.28 -3.06
CA ALA C 49 28.15 13.63 -1.65
C ALA C 49 29.41 14.46 -1.37
N GLN C 50 30.52 14.05 -1.98
CA GLN C 50 31.78 14.81 -1.88
C GLN C 50 31.68 16.19 -2.53
N GLU C 51 30.98 16.27 -3.65
CA GLU C 51 30.80 17.55 -4.36
C GLU C 51 29.98 18.50 -3.49
N GLN C 52 29.22 17.94 -2.54
CA GLN C 52 28.37 18.76 -1.67
C GLN C 52 28.96 18.98 -0.28
N GLY C 53 30.27 18.72 -0.15
CA GLY C 53 30.98 19.03 1.07
C GLY C 53 31.02 17.93 2.13
N ALA C 54 30.58 16.72 1.79
CA ALA C 54 30.61 15.60 2.75
C ALA C 54 32.03 15.05 2.90
N GLN C 55 32.41 14.72 4.12
CA GLN C 55 33.63 13.96 4.36
C GLN C 55 33.23 12.47 4.44
N LEU C 56 33.76 11.67 3.52
CA LEU C 56 33.33 10.28 3.39
C LEU C 56 34.27 9.27 4.04
N VAL C 57 33.67 8.17 4.47
CA VAL C 57 34.38 6.93 4.80
C VAL C 57 33.78 5.84 3.95
N LEU C 58 34.62 5.08 3.25
CA LEU C 58 34.13 4.06 2.34
C LEU C 58 34.38 2.64 2.87
N THR C 59 33.45 1.74 2.57
CA THR C 59 33.63 0.33 2.93
C THR C 59 33.44 -0.52 1.69
N GLY C 60 34.31 -1.51 1.49
CA GLY C 60 34.21 -2.38 0.33
C GLY C 60 34.32 -3.87 0.62
N PHE C 61 33.92 -4.68 -0.37
CA PHE C 61 33.84 -6.12 -0.19
C PHE C 61 34.74 -6.91 -1.14
N ASP C 62 35.57 -7.79 -0.55
CA ASP C 62 36.34 -8.80 -1.28
C ASP C 62 37.51 -8.27 -2.11
N ARG C 63 37.22 -7.52 -3.16
N ARG C 63 37.20 -7.49 -3.14
CA ARG C 63 38.28 -7.04 -4.03
CA ARG C 63 38.23 -7.02 -4.06
C ARG C 63 38.73 -5.63 -3.68
C ARG C 63 38.73 -5.62 -3.68
N LEU C 64 39.33 -5.51 -2.50
CA LEU C 64 39.75 -4.23 -1.95
C LEU C 64 40.66 -3.38 -2.84
N ARG C 65 41.59 -4.04 -3.51
CA ARG C 65 42.59 -3.38 -4.34
C ARG C 65 41.93 -2.69 -5.55
N LEU C 66 40.97 -3.38 -6.15
CA LEU C 66 40.31 -2.86 -7.35
C LEU C 66 39.48 -1.66 -6.94
N ILE C 67 38.79 -1.81 -5.81
CA ILE C 67 37.96 -0.74 -5.25
C ILE C 67 38.81 0.47 -4.92
N GLN C 68 40.01 0.23 -4.41
CA GLN C 68 40.92 1.30 -4.03
C GLN C 68 41.27 2.15 -5.24
N ARG C 69 41.56 1.51 -6.36
CA ARG C 69 41.89 2.23 -7.59
C ARG C 69 40.67 2.96 -8.11
N ILE C 70 39.50 2.34 -7.93
CA ILE C 70 38.25 2.99 -8.33
C ILE C 70 37.94 4.26 -7.54
N THR C 71 38.05 4.20 -6.22
CA THR C 71 37.79 5.37 -5.38
C THR C 71 38.80 6.50 -5.62
N ASP C 72 39.91 6.15 -6.29
CA ASP C 72 40.94 7.11 -6.68
C ASP C 72 40.38 8.10 -7.70
N ARG C 73 39.28 7.71 -8.35
CA ARG C 73 38.64 8.57 -9.36
C ARG C 73 37.67 9.55 -8.70
N LEU C 74 37.53 9.47 -7.38
CA LEU C 74 36.64 10.37 -6.66
C LEU C 74 37.29 11.72 -6.46
N PRO C 75 36.48 12.79 -6.31
CA PRO C 75 36.97 14.16 -6.06
C PRO C 75 38.06 14.23 -4.97
N ALA C 76 37.83 13.55 -3.86
CA ALA C 76 38.82 13.46 -2.78
C ALA C 76 39.06 12.00 -2.35
N LYS C 77 40.29 11.70 -1.95
CA LYS C 77 40.66 10.37 -1.50
C LYS C 77 40.08 10.06 -0.12
N ALA C 78 39.11 9.14 -0.06
CA ALA C 78 38.50 8.76 1.21
C ALA C 78 39.09 7.46 1.75
N PRO C 79 39.06 7.26 3.08
CA PRO C 79 39.55 6.00 3.65
C PRO C 79 38.62 4.84 3.27
N LEU C 80 39.20 3.70 2.93
CA LEU C 80 38.44 2.50 2.59
C LEU C 80 38.69 1.38 3.61
N LEU C 81 37.62 0.92 4.26
CA LEU C 81 37.69 -0.15 5.26
C LEU C 81 37.00 -1.40 4.75
N GLU C 82 37.55 -2.57 5.04
CA GLU C 82 36.93 -3.81 4.59
C GLU C 82 35.65 -4.12 5.37
N LEU C 83 34.61 -4.48 4.65
CA LEU C 83 33.38 -4.95 5.28
C LEU C 83 32.66 -6.00 4.45
N ASP C 84 32.73 -7.26 4.91
CA ASP C 84 31.89 -8.34 4.42
C ASP C 84 30.75 -8.46 5.41
N VAL C 85 29.54 -8.19 4.96
CA VAL C 85 28.40 -8.13 5.88
C VAL C 85 28.01 -9.49 6.46
N GLN C 86 28.60 -10.56 5.95
CA GLN C 86 28.35 -11.89 6.48
C GLN C 86 29.41 -12.25 7.52
N ASN C 87 30.43 -11.40 7.62
CA ASN C 87 31.53 -11.61 8.55
C ASN C 87 31.32 -10.88 9.88
N GLU C 88 31.04 -11.67 10.92
CA GLU C 88 30.80 -11.17 12.27
C GLU C 88 31.93 -10.31 12.80
N GLU C 89 33.16 -10.77 12.59
CA GLU C 89 34.34 -10.02 13.02
C GLU C 89 34.44 -8.66 12.34
N HIS C 90 34.02 -8.59 11.08
CA HIS C 90 34.06 -7.31 10.36
C HIS C 90 33.04 -6.36 10.97
N LEU C 91 31.85 -6.87 11.24
N LEU C 91 31.86 -6.87 11.26
CA LEU C 91 30.76 -6.08 11.83
CA LEU C 91 30.79 -6.05 11.81
C LEU C 91 31.13 -5.59 13.23
C LEU C 91 31.07 -5.59 13.25
N ALA C 92 31.64 -6.50 14.05
CA ALA C 92 31.93 -6.22 15.45
C ALA C 92 32.97 -5.15 15.62
N SER C 93 33.88 -5.04 14.65
CA SER C 93 34.99 -4.08 14.74
C SER C 93 34.83 -2.87 13.82
N LEU C 94 33.65 -2.72 13.21
CA LEU C 94 33.46 -1.66 12.22
C LEU C 94 33.46 -0.25 12.82
N ALA C 95 32.73 -0.09 13.91
CA ALA C 95 32.59 1.23 14.53
C ALA C 95 33.96 1.71 14.97
N GLY C 96 34.76 0.80 15.52
CA GLY C 96 36.10 1.15 15.96
C GLY C 96 36.99 1.61 14.82
N ARG C 97 36.85 0.97 13.67
CA ARG C 97 37.67 1.30 12.51
C ARG C 97 37.20 2.59 11.84
N VAL C 98 35.90 2.78 11.78
CA VAL C 98 35.34 4.03 11.29
C VAL C 98 35.81 5.20 12.15
N THR C 99 35.73 5.00 13.47
CA THR C 99 36.17 6.00 14.42
C THR C 99 37.64 6.39 14.22
N GLU C 100 38.50 5.38 13.99
CA GLU C 100 39.91 5.65 13.69
C GLU C 100 40.07 6.45 12.41
N ALA C 101 39.16 6.22 11.46
CA ALA C 101 39.21 6.91 10.18
C ALA C 101 38.78 8.38 10.27
N ILE C 102 37.70 8.66 10.98
CA ILE C 102 37.17 10.02 11.08
C ILE C 102 37.82 10.83 12.20
N GLY C 103 38.63 10.17 13.01
CA GLY C 103 39.23 10.81 14.18
C GLY C 103 38.36 10.59 15.40
N ALA C 104 38.99 10.32 16.54
CA ALA C 104 38.24 10.09 17.78
C ALA C 104 37.47 11.34 18.19
N GLY C 105 36.34 11.15 18.85
CA GLY C 105 35.48 12.25 19.25
C GLY C 105 34.51 12.69 18.17
N ASN C 106 34.76 12.23 16.94
CA ASN C 106 33.88 12.52 15.82
C ASN C 106 32.89 11.39 15.60
N LYS C 107 31.71 11.73 15.09
CA LYS C 107 30.67 10.73 14.84
C LYS C 107 30.21 10.83 13.39
N LEU C 108 29.48 9.82 12.92
CA LEU C 108 28.93 9.90 11.56
C LEU C 108 27.58 10.61 11.56
N ASP C 109 27.27 11.30 10.47
CA ASP C 109 25.94 11.88 10.28
C ASP C 109 25.11 11.03 9.31
N GLY C 110 25.79 10.24 8.49
CA GLY C 110 25.13 9.49 7.45
C GLY C 110 25.74 8.12 7.23
N VAL C 111 24.87 7.17 6.92
CA VAL C 111 25.27 5.82 6.59
C VAL C 111 24.52 5.42 5.33
N VAL C 112 25.23 4.96 4.30
CA VAL C 112 24.57 4.48 3.08
C VAL C 112 24.79 2.99 2.85
N HIS C 113 23.69 2.25 2.86
CA HIS C 113 23.72 0.81 2.57
C HIS C 113 23.42 0.65 1.09
N SER C 114 24.41 0.22 0.33
CA SER C 114 24.24 0.08 -1.10
C SER C 114 24.78 -1.26 -1.54
N ILE C 115 24.21 -2.30 -0.95
CA ILE C 115 24.78 -3.65 -0.99
C ILE C 115 23.70 -4.66 -1.34
N GLY C 116 24.00 -5.54 -2.28
CA GLY C 116 23.06 -6.60 -2.62
C GLY C 116 23.75 -7.82 -3.22
N PHE C 117 23.19 -9.00 -2.95
CA PHE C 117 23.61 -10.22 -3.63
C PHE C 117 22.49 -11.25 -3.65
N MET C 118 22.37 -11.97 -4.76
CA MET C 118 21.53 -13.16 -4.84
C MET C 118 22.20 -14.14 -5.80
N PRO C 119 22.43 -15.39 -5.33
CA PRO C 119 23.07 -16.41 -6.19
C PRO C 119 22.26 -16.63 -7.46
N GLN C 120 22.91 -17.14 -8.50
CA GLN C 120 22.28 -17.36 -9.81
C GLN C 120 20.96 -18.16 -9.77
N THR C 121 20.92 -19.20 -8.95
CA THR C 121 19.73 -20.05 -8.83
C THR C 121 18.42 -19.31 -8.47
N GLY C 122 18.53 -18.13 -7.87
CA GLY C 122 17.34 -17.38 -7.49
C GLY C 122 17.05 -16.18 -8.35
N MET C 123 17.60 -16.16 -9.57
CA MET C 123 17.46 -15.02 -10.50
C MET C 123 17.13 -15.46 -11.93
N GLY C 124 16.69 -14.50 -12.73
CA GLY C 124 16.57 -14.70 -14.17
C GLY C 124 15.60 -15.79 -14.58
N ILE C 125 16.01 -16.63 -15.54
CA ILE C 125 15.15 -17.70 -16.07
C ILE C 125 15.26 -19.01 -15.28
N ASN C 126 16.14 -19.06 -14.31
CA ASN C 126 16.21 -20.24 -13.45
C ASN C 126 14.89 -20.39 -12.68
N PRO C 127 14.35 -21.60 -12.62
CA PRO C 127 13.03 -21.80 -12.02
C PRO C 127 12.97 -21.37 -10.56
N PHE C 128 11.95 -20.57 -10.24
CA PHE C 128 11.72 -20.03 -8.91
C PHE C 128 11.75 -21.13 -7.85
N PHE C 129 11.09 -22.24 -8.13
CA PHE C 129 11.04 -23.37 -7.20
C PHE C 129 12.38 -24.10 -7.01
N ASP C 130 13.31 -23.93 -7.93
CA ASP C 130 14.54 -24.72 -7.87
C ASP C 130 15.66 -23.99 -7.11
N ALA C 131 15.35 -22.84 -6.54
CA ALA C 131 16.35 -22.16 -5.74
C ALA C 131 16.45 -22.78 -4.34
N PRO C 132 17.61 -23.36 -4.00
CA PRO C 132 17.74 -23.97 -2.68
C PRO C 132 17.74 -22.91 -1.57
N TYR C 133 17.25 -23.27 -0.38
CA TYR C 133 17.10 -22.28 0.68
C TYR C 133 18.44 -21.68 1.09
N ALA C 134 19.46 -22.51 1.12
CA ALA C 134 20.78 -22.02 1.48
C ALA C 134 21.22 -20.86 0.55
N ASP C 135 20.72 -20.87 -0.69
CA ASP C 135 21.07 -19.82 -1.66
C ASP C 135 20.21 -18.57 -1.41
N VAL C 136 18.90 -18.77 -1.27
CA VAL C 136 17.99 -17.72 -0.91
C VAL C 136 18.42 -17.07 0.39
N SER C 137 18.78 -17.86 1.38
CA SER C 137 19.12 -17.31 2.70
C SER C 137 20.39 -16.49 2.66
N LYS C 138 21.36 -16.93 1.85
CA LYS C 138 22.54 -16.09 1.64
C LYS C 138 22.20 -14.73 1.01
N GLY C 139 21.27 -14.72 0.04
CA GLY C 139 20.82 -13.49 -0.57
C GLY C 139 20.08 -12.58 0.39
N ILE C 140 19.16 -13.15 1.17
CA ILE C 140 18.47 -12.40 2.23
C ILE C 140 19.44 -11.84 3.29
N HIS C 141 20.48 -12.59 3.62
CA HIS C 141 21.48 -12.14 4.59
C HIS C 141 22.21 -10.89 4.08
N ILE C 142 22.75 -10.95 2.88
CA ILE C 142 23.53 -9.84 2.32
C ILE C 142 22.65 -8.65 1.95
N SER C 143 21.49 -8.94 1.37
CA SER C 143 20.61 -7.91 0.82
C SER C 143 19.63 -7.28 1.82
N ALA C 144 19.20 -8.03 2.83
CA ALA C 144 18.18 -7.54 3.78
C ALA C 144 18.61 -7.45 5.24
N TYR C 145 19.07 -8.57 5.82
CA TYR C 145 19.49 -8.57 7.21
C TYR C 145 20.68 -7.62 7.44
N SER C 146 21.61 -7.56 6.49
CA SER C 146 22.78 -6.66 6.59
C SER C 146 22.42 -5.19 6.82
N TYR C 147 21.20 -4.82 6.47
CA TYR C 147 20.72 -3.47 6.76
C TYR C 147 20.61 -3.23 8.26
N ALA C 148 20.11 -4.23 8.99
CA ALA C 148 20.02 -4.13 10.45
C ALA C 148 21.40 -4.27 11.13
N SER C 149 22.22 -5.18 10.62
CA SER C 149 23.59 -5.35 11.10
C SER C 149 24.41 -4.07 11.00
N MET C 150 24.33 -3.41 9.85
N MET C 150 24.32 -3.42 9.84
CA MET C 150 25.07 -2.17 9.68
CA MET C 150 25.01 -2.15 9.61
C MET C 150 24.52 -1.08 10.61
C MET C 150 24.53 -1.12 10.60
N ALA C 151 23.21 -1.04 10.79
CA ALA C 151 22.60 -0.09 11.70
C ALA C 151 23.03 -0.33 13.14
N LYS C 152 23.12 -1.61 13.51
CA LYS C 152 23.48 -2.00 14.87
C LYS C 152 24.88 -1.51 15.16
N ALA C 153 25.78 -1.72 14.20
CA ALA C 153 27.17 -1.37 14.38
C ALA C 153 27.41 0.13 14.41
N LEU C 154 26.67 0.87 13.58
CA LEU C 154 27.02 2.26 13.35
C LEU C 154 26.20 3.27 14.15
N LEU C 155 24.97 2.90 14.53
CA LEU C 155 24.14 3.78 15.34
C LEU C 155 24.84 4.34 16.57
N PRO C 156 25.62 3.51 17.30
CA PRO C 156 26.29 4.12 18.45
C PRO C 156 27.35 5.17 18.08
N ILE C 157 27.66 5.34 16.80
CA ILE C 157 28.63 6.36 16.41
C ILE C 157 28.00 7.41 15.49
N MET C 158 26.68 7.53 15.58
CA MET C 158 25.96 8.52 14.80
C MET C 158 25.44 9.68 15.64
N ASN C 159 25.48 10.87 15.05
CA ASN C 159 24.92 12.08 15.64
C ASN C 159 23.42 12.14 15.44
N PRO C 160 22.70 12.84 16.34
CA PRO C 160 21.27 13.10 16.12
C PRO C 160 21.06 13.91 14.86
N GLY C 161 19.94 13.71 14.18
CA GLY C 161 19.70 14.39 12.92
C GLY C 161 20.33 13.62 11.80
N GLY C 162 20.89 12.46 12.15
CA GLY C 162 21.59 11.62 11.21
C GLY C 162 20.65 10.86 10.30
N SER C 163 21.21 10.10 9.37
CA SER C 163 20.38 9.47 8.35
C SER C 163 21.00 8.18 7.84
N ILE C 164 20.22 7.10 7.88
CA ILE C 164 20.63 5.83 7.33
C ILE C 164 19.76 5.61 6.11
N VAL C 165 20.38 5.33 4.97
N VAL C 165 20.40 5.26 5.00
CA VAL C 165 19.61 5.06 3.76
CA VAL C 165 19.71 5.08 3.73
C VAL C 165 20.12 3.83 3.02
C VAL C 165 20.14 3.77 3.08
N GLY C 166 19.19 3.02 2.53
CA GLY C 166 19.52 1.81 1.82
C GLY C 166 18.88 1.84 0.45
N MET C 167 19.44 1.08 -0.49
CA MET C 167 18.86 1.05 -1.82
C MET C 167 17.82 -0.04 -1.92
N ASP C 168 16.70 0.28 -2.57
CA ASP C 168 15.57 -0.64 -2.70
C ASP C 168 15.19 -0.77 -4.19
N PHE C 169 14.39 -1.78 -4.52
CA PHE C 169 13.78 -1.90 -5.84
C PHE C 169 12.37 -2.41 -5.60
N ASP C 170 11.37 -1.61 -5.95
CA ASP C 170 9.97 -1.84 -5.63
C ASP C 170 9.45 -3.29 -5.87
N PRO C 171 9.32 -4.03 -4.77
CA PRO C 171 8.95 -5.45 -4.77
C PRO C 171 7.46 -5.67 -4.48
N SER C 172 6.63 -4.65 -4.60
CA SER C 172 5.25 -4.78 -4.12
C SER C 172 4.45 -5.66 -5.05
N ARG C 173 4.99 -5.88 -6.26
CA ARG C 173 4.38 -6.77 -7.24
C ARG C 173 5.43 -7.71 -7.80
N ALA C 174 4.99 -8.87 -8.29
CA ALA C 174 5.95 -9.84 -8.79
C ALA C 174 6.35 -9.50 -10.23
N MET C 175 7.50 -9.99 -10.64
CA MET C 175 7.96 -9.71 -11.99
C MET C 175 8.92 -10.78 -12.46
N PRO C 176 9.10 -10.91 -13.78
CA PRO C 176 10.06 -11.94 -14.17
C PRO C 176 11.49 -11.52 -13.80
N ALA C 177 12.38 -12.50 -13.70
CA ALA C 177 13.83 -12.28 -13.56
C ALA C 177 14.31 -11.86 -12.18
N TYR C 178 13.61 -10.93 -11.54
CA TYR C 178 14.07 -10.45 -10.24
C TYR C 178 13.84 -11.50 -9.14
N ASN C 179 12.89 -12.41 -9.41
CA ASN C 179 12.65 -13.61 -8.60
C ASN C 179 12.84 -13.45 -7.11
N TRP C 180 13.84 -14.16 -6.56
CA TRP C 180 14.05 -14.15 -5.12
C TRP C 180 14.64 -12.85 -4.60
N MET C 181 15.31 -12.09 -5.45
CA MET C 181 15.78 -10.75 -5.05
C MET C 181 14.62 -9.87 -4.68
N THR C 182 13.47 -10.11 -5.32
CA THR C 182 12.24 -9.41 -4.96
C THR C 182 11.84 -9.73 -3.52
N VAL C 183 11.96 -11.00 -3.15
CA VAL C 183 11.64 -11.45 -1.79
C VAL C 183 12.57 -10.75 -0.81
N ALA C 184 13.86 -10.76 -1.15
CA ALA C 184 14.87 -10.07 -0.35
C ALA C 184 14.53 -8.58 -0.18
N LYS C 185 14.07 -7.93 -1.25
CA LYS C 185 13.73 -6.51 -1.15
C LYS C 185 12.50 -6.30 -0.26
N SER C 186 11.50 -7.17 -0.39
CA SER C 186 10.34 -7.14 0.49
C SER C 186 10.78 -7.27 1.94
N ALA C 187 11.73 -8.16 2.21
CA ALA C 187 12.21 -8.32 3.57
C ALA C 187 12.92 -7.04 4.00
N LEU C 188 13.67 -6.44 3.08
N LEU C 188 13.67 -6.44 3.08
CA LEU C 188 14.42 -5.22 3.34
CA LEU C 188 14.43 -5.22 3.36
C LEU C 188 13.51 -4.08 3.80
C LEU C 188 13.54 -4.05 3.76
N GLU C 189 12.44 -3.85 3.04
CA GLU C 189 11.47 -2.80 3.39
C GLU C 189 10.91 -2.98 4.81
N SER C 190 10.74 -4.24 5.22
CA SER C 190 10.23 -4.54 6.56
C SER C 190 11.29 -4.25 7.61
N VAL C 191 12.49 -4.74 7.38
CA VAL C 191 13.66 -4.43 8.20
C VAL C 191 13.85 -2.91 8.37
N ASN C 192 13.74 -2.16 7.28
CA ASN C 192 13.90 -0.71 7.35
C ASN C 192 12.93 -0.06 8.34
N ARG C 193 11.68 -0.51 8.35
CA ARG C 193 10.69 0.05 9.26
C ARG C 193 11.02 -0.27 10.72
N PHE C 194 11.71 -1.39 10.94
CA PHE C 194 12.14 -1.74 12.29
C PHE C 194 13.45 -1.05 12.67
N VAL C 195 14.32 -0.86 11.68
CA VAL C 195 15.53 -0.08 11.92
C VAL C 195 15.16 1.37 12.29
N ALA C 196 14.07 1.87 11.73
CA ALA C 196 13.58 3.23 12.06
C ALA C 196 13.32 3.37 13.56
N ARG C 197 12.68 2.36 14.15
CA ARG C 197 12.35 2.37 15.57
C ARG C 197 13.62 2.47 16.41
N GLU C 198 14.59 1.63 16.10
CA GLU C 198 15.88 1.68 16.80
C GLU C 198 16.58 3.02 16.57
N ALA C 199 16.66 3.43 15.31
CA ALA C 199 17.33 4.67 14.96
C ALA C 199 16.72 5.88 15.65
N GLY C 200 15.41 5.88 15.81
CA GLY C 200 14.70 6.96 16.47
C GLY C 200 15.22 7.28 17.86
N LYS C 201 15.80 6.29 18.53
CA LYS C 201 16.30 6.46 19.90
C LYS C 201 17.58 7.30 19.90
N TYR C 202 18.19 7.43 18.74
CA TYR C 202 19.43 8.19 18.61
C TYR C 202 19.19 9.51 17.88
N GLY C 203 17.93 9.81 17.58
CA GLY C 203 17.61 10.99 16.79
C GLY C 203 17.93 10.83 15.31
N VAL C 204 18.02 9.57 14.87
CA VAL C 204 18.48 9.26 13.53
C VAL C 204 17.36 8.71 12.66
N ARG C 205 17.30 9.14 11.40
CA ARG C 205 16.29 8.67 10.46
C ARG C 205 16.77 7.47 9.63
N SER C 206 15.83 6.62 9.21
CA SER C 206 16.14 5.46 8.39
C SER C 206 15.17 5.35 7.21
N ASN C 207 15.69 5.36 5.99
CA ASN C 207 14.84 5.32 4.81
C ASN C 207 15.45 4.51 3.66
N LEU C 208 14.59 4.07 2.75
CA LEU C 208 15.06 3.38 1.57
C LEU C 208 14.81 4.24 0.35
N VAL C 209 15.72 4.21 -0.61
CA VAL C 209 15.48 4.80 -1.93
C VAL C 209 15.18 3.69 -2.93
N ALA C 210 13.96 3.64 -3.41
CA ALA C 210 13.62 2.68 -4.44
C ALA C 210 13.95 3.28 -5.81
N ALA C 211 15.05 2.84 -6.38
CA ALA C 211 15.54 3.39 -7.64
C ALA C 211 15.00 2.57 -8.81
N GLY C 212 14.90 3.21 -9.97
CA GLY C 212 14.62 2.48 -11.20
C GLY C 212 15.89 1.77 -11.68
N PRO C 213 15.78 1.01 -12.78
N PRO C 213 15.78 0.99 -12.77
CA PRO C 213 16.91 0.25 -13.34
CA PRO C 213 16.92 0.22 -13.27
C PRO C 213 18.07 1.14 -13.74
C PRO C 213 18.06 1.10 -13.74
N ILE C 214 19.27 0.77 -13.30
CA ILE C 214 20.47 1.51 -13.65
C ILE C 214 21.52 0.49 -14.06
N ARG C 215 22.21 0.76 -15.18
CA ARG C 215 23.24 -0.14 -15.70
C ARG C 215 24.48 -0.27 -14.80
N THR C 216 24.39 -1.18 -13.82
CA THR C 216 25.50 -1.42 -12.89
C THR C 216 26.12 -2.80 -13.09
N LEU C 217 27.15 -3.12 -12.32
CA LEU C 217 27.78 -4.46 -12.41
C LEU C 217 26.77 -5.56 -12.10
N ALA C 218 26.00 -5.36 -11.04
CA ALA C 218 24.98 -6.33 -10.64
C ALA C 218 23.92 -6.53 -11.73
N MET C 219 23.58 -5.43 -12.38
CA MET C 219 22.66 -5.42 -13.52
C MET C 219 23.18 -6.34 -14.64
N SER C 220 24.44 -6.17 -15.02
CA SER C 220 25.01 -6.97 -16.11
C SER C 220 25.30 -8.41 -15.71
N ALA C 221 25.94 -8.60 -14.56
CA ALA C 221 26.42 -9.92 -14.14
C ALA C 221 25.39 -10.74 -13.36
N ILE C 222 24.82 -10.18 -12.29
CA ILE C 222 23.84 -10.95 -11.52
C ILE C 222 22.53 -11.14 -12.31
N VAL C 223 21.95 -10.05 -12.78
CA VAL C 223 20.66 -10.14 -13.48
C VAL C 223 20.83 -10.51 -14.97
N GLY C 224 21.79 -9.90 -15.65
CA GLY C 224 22.05 -10.21 -17.04
C GLY C 224 22.51 -11.65 -17.26
N GLY C 225 23.34 -12.15 -16.34
CA GLY C 225 23.89 -13.49 -16.46
C GLY C 225 22.86 -14.59 -16.27
N ALA C 226 21.86 -14.32 -15.44
CA ALA C 226 20.82 -15.31 -15.13
C ALA C 226 19.69 -15.30 -16.15
N LEU C 227 19.75 -14.36 -17.08
CA LEU C 227 18.74 -14.26 -18.14
C LEU C 227 19.20 -14.98 -19.41
N GLY C 228 20.41 -15.53 -19.40
CA GLY C 228 20.94 -16.23 -20.56
C GLY C 228 21.01 -15.35 -21.80
N GLU C 229 20.64 -15.93 -22.94
CA GLU C 229 20.62 -15.19 -24.21
C GLU C 229 19.53 -14.13 -24.22
N GLU C 230 18.41 -14.44 -23.55
CA GLU C 230 17.31 -13.50 -23.39
C GLU C 230 17.65 -12.46 -22.32
N ALA C 231 18.59 -11.57 -22.63
CA ALA C 231 19.02 -10.54 -21.69
C ALA C 231 19.10 -9.17 -22.39
N GLY C 232 19.91 -9.09 -23.43
CA GLY C 232 20.06 -7.85 -24.19
C GLY C 232 18.76 -7.07 -24.25
N ALA C 233 17.78 -7.63 -24.94
CA ALA C 233 16.46 -7.02 -25.04
C ALA C 233 15.75 -7.14 -23.70
N GLN C 234 15.98 -8.25 -23.01
CA GLN C 234 15.48 -8.39 -21.65
C GLN C 234 15.69 -7.09 -20.86
N ILE C 235 16.92 -6.56 -20.95
CA ILE C 235 17.27 -5.32 -20.26
C ILE C 235 16.94 -4.09 -21.12
N GLN C 236 17.10 -4.23 -22.44
CA GLN C 236 16.84 -3.14 -23.37
C GLN C 236 15.35 -2.83 -23.46
N LEU C 237 14.52 -3.84 -23.24
CA LEU C 237 13.07 -3.68 -23.30
C LEU C 237 12.52 -3.14 -21.98
N LEU C 238 13.32 -3.24 -20.93
CA LEU C 238 12.95 -2.73 -19.62
C LEU C 238 13.38 -1.26 -19.48
N GLU C 239 14.36 -0.87 -20.29
CA GLU C 239 14.84 0.51 -20.30
C GLU C 239 13.85 1.41 -21.05
N GLU C 240 13.14 0.81 -21.99
CA GLU C 240 12.10 1.52 -22.74
C GLU C 240 10.77 1.49 -21.99
N GLY C 241 10.46 0.36 -21.39
CA GLY C 241 9.21 0.17 -20.68
C GLY C 241 9.10 1.10 -19.48
N TRP C 242 10.19 1.17 -18.73
CA TRP C 242 10.27 2.02 -17.55
C TRP C 242 10.19 3.49 -17.95
N ASP C 243 10.86 3.84 -19.05
CA ASP C 243 10.85 5.20 -19.57
C ASP C 243 9.47 5.62 -20.07
N GLN C 244 8.76 4.69 -20.71
CA GLN C 244 7.41 4.94 -21.19
C GLN C 244 6.47 5.27 -20.03
N ARG C 245 6.50 4.45 -18.98
CA ARG C 245 5.64 4.64 -17.81
C ARG C 245 5.94 5.91 -17.02
N ALA C 246 7.22 6.19 -16.83
CA ALA C 246 7.66 7.37 -16.11
C ALA C 246 7.22 8.65 -16.82
N PRO C 247 6.38 9.45 -16.15
CA PRO C 247 5.89 10.70 -16.76
C PRO C 247 7.00 11.67 -17.08
N ILE C 248 8.11 11.60 -16.37
CA ILE C 248 9.25 12.47 -16.67
C ILE C 248 10.41 11.74 -17.34
N GLY C 249 10.17 10.50 -17.77
CA GLY C 249 11.20 9.70 -18.40
C GLY C 249 12.18 9.05 -17.43
N TRP C 250 13.01 8.15 -17.96
CA TRP C 250 14.04 7.42 -17.19
C TRP C 250 15.26 7.03 -18.02
N ASN C 251 16.44 7.40 -17.55
CA ASN C 251 17.68 7.07 -18.24
C ASN C 251 18.45 6.02 -17.44
N MET C 252 18.43 4.78 -17.91
CA MET C 252 19.00 3.69 -17.13
C MET C 252 20.53 3.67 -17.17
N LYS C 253 21.11 4.60 -17.94
CA LYS C 253 22.56 4.78 -17.98
C LYS C 253 23.01 5.96 -17.10
N ASP C 254 22.08 6.59 -16.40
CA ASP C 254 22.40 7.75 -15.56
C ASP C 254 22.00 7.54 -14.09
N ALA C 255 22.98 7.37 -13.22
CA ALA C 255 22.72 7.13 -11.79
C ALA C 255 22.62 8.41 -10.99
N THR C 256 22.93 9.53 -11.62
CA THR C 256 22.90 10.82 -10.94
C THR C 256 21.57 11.17 -10.25
N PRO C 257 20.44 10.96 -10.95
CA PRO C 257 19.18 11.29 -10.27
C PRO C 257 18.90 10.42 -9.04
N VAL C 258 19.52 9.24 -8.96
CA VAL C 258 19.34 8.40 -7.78
C VAL C 258 20.27 8.87 -6.67
N ALA C 259 21.50 9.21 -7.04
CA ALA C 259 22.49 9.72 -6.09
C ALA C 259 22.10 11.07 -5.49
N LYS C 260 21.51 11.95 -6.29
CA LYS C 260 21.01 13.21 -5.75
C LYS C 260 19.94 12.95 -4.70
N THR C 261 19.01 12.03 -5.02
CA THR C 261 17.91 11.64 -4.13
C THR C 261 18.39 11.08 -2.78
N VAL C 262 19.46 10.31 -2.81
CA VAL C 262 20.02 9.73 -1.59
C VAL C 262 20.64 10.83 -0.73
N CYS C 263 21.37 11.73 -1.39
CA CYS C 263 21.97 12.88 -0.70
C CYS C 263 20.89 13.79 -0.10
N ALA C 264 19.73 13.84 -0.73
CA ALA C 264 18.59 14.57 -0.18
C ALA C 264 18.15 14.01 1.18
N LEU C 265 18.13 12.69 1.30
CA LEU C 265 17.78 12.05 2.57
C LEU C 265 18.92 12.16 3.58
N LEU C 266 20.15 12.28 3.08
CA LEU C 266 21.30 12.38 3.97
C LEU C 266 21.35 13.79 4.57
N SER C 267 20.74 14.74 3.86
CA SER C 267 20.71 16.14 4.26
C SER C 267 19.67 16.40 5.36
N ASP C 268 19.48 17.67 5.69
CA ASP C 268 18.55 18.08 6.75
C ASP C 268 17.20 18.42 6.17
N TRP C 269 17.09 18.30 4.85
CA TRP C 269 15.89 18.76 4.16
C TRP C 269 14.72 17.78 4.12
N LEU C 270 14.90 16.60 4.69
CA LEU C 270 13.78 15.68 4.90
C LEU C 270 13.76 15.20 6.35
N PRO C 271 13.63 16.13 7.30
CA PRO C 271 13.87 15.79 8.70
C PRO C 271 12.70 15.05 9.35
N ALA C 272 11.57 14.96 8.66
CA ALA C 272 10.39 14.31 9.25
C ALA C 272 10.03 12.99 8.58
N THR C 273 10.95 12.44 7.82
CA THR C 273 10.66 11.24 7.06
C THR C 273 11.51 10.09 7.57
N THR C 274 10.86 9.03 8.01
CA THR C 274 11.58 7.84 8.47
C THR C 274 10.77 6.54 8.42
N GLY C 275 11.48 5.42 8.32
CA GLY C 275 10.85 4.12 8.17
C GLY C 275 10.22 4.01 6.81
N ASP C 276 10.69 4.84 5.89
CA ASP C 276 9.94 5.10 4.68
C ASP C 276 10.70 4.76 3.42
N ILE C 277 9.99 4.95 2.31
CA ILE C 277 10.54 4.62 1.01
C ILE C 277 10.34 5.77 0.04
N ILE C 278 11.43 6.28 -0.51
CA ILE C 278 11.38 7.33 -1.50
C ILE C 278 11.73 6.80 -2.89
N TYR C 279 10.86 7.07 -3.84
CA TYR C 279 10.97 6.47 -5.16
C TYR C 279 11.66 7.40 -6.15
N ALA C 280 12.87 7.01 -6.54
CA ALA C 280 13.58 7.72 -7.58
C ALA C 280 13.51 6.85 -8.82
N ASP C 281 12.35 6.87 -9.49
CA ASP C 281 12.11 5.97 -10.61
C ASP C 281 11.35 6.67 -11.73
N GLY C 282 11.39 7.99 -11.75
CA GLY C 282 10.73 8.75 -12.80
C GLY C 282 9.22 8.77 -12.62
N GLY C 283 8.73 8.13 -11.56
CA GLY C 283 7.31 8.11 -11.26
C GLY C 283 6.59 6.95 -11.90
N ALA C 284 7.36 6.09 -12.56
CA ALA C 284 6.86 4.86 -13.16
C ALA C 284 5.94 4.03 -12.26
N HIS C 285 6.27 3.92 -10.98
CA HIS C 285 5.54 3.04 -10.07
C HIS C 285 4.17 3.60 -9.69
N THR C 286 3.88 4.82 -10.15
CA THR C 286 2.61 5.48 -9.83
C THR C 286 1.69 5.44 -11.04
N GLN C 287 2.20 4.87 -12.13
CA GLN C 287 1.48 4.79 -13.40
C GLN C 287 1.33 3.33 -13.82
N LEU C 288 0.18 3.00 -14.37
CA LEU C 288 -0.08 1.63 -14.81
C LEU C 288 0.37 1.38 -16.26
N LEU C 289 -0.16 2.16 -17.19
CA LEU C 289 0.24 2.07 -18.59
C LEU C 289 0.30 3.44 -19.26
CA THR D 22 -28.20 -25.87 -0.31
C THR D 22 -27.43 -24.80 -1.11
N GLY D 23 -28.11 -23.70 -1.42
CA GLY D 23 -27.50 -22.63 -2.19
C GLY D 23 -26.74 -21.65 -1.32
N LEU D 24 -25.66 -21.11 -1.86
CA LEU D 24 -24.74 -20.24 -1.11
C LEU D 24 -25.42 -19.04 -0.47
N LEU D 25 -26.50 -18.58 -1.11
CA LEU D 25 -27.20 -17.39 -0.67
C LEU D 25 -28.65 -17.71 -0.32
N ASP D 26 -28.91 -18.95 0.08
CA ASP D 26 -30.27 -19.42 0.36
C ASP D 26 -30.95 -18.61 1.47
N GLY D 27 -32.17 -18.18 1.21
CA GLY D 27 -32.97 -17.48 2.20
C GLY D 27 -32.52 -16.05 2.46
N LYS D 28 -31.57 -15.57 1.66
CA LYS D 28 -31.08 -14.20 1.79
C LYS D 28 -31.81 -13.24 0.86
N ARG D 29 -32.22 -12.10 1.41
CA ARG D 29 -32.88 -11.06 0.63
C ARG D 29 -31.88 -9.98 0.26
N ILE D 30 -31.69 -9.78 -1.05
CA ILE D 30 -30.63 -8.90 -1.55
C ILE D 30 -31.16 -7.85 -2.52
N LEU D 31 -30.68 -6.62 -2.39
CA LEU D 31 -30.99 -5.58 -3.36
C LEU D 31 -29.81 -5.39 -4.32
N VAL D 32 -30.08 -5.48 -5.62
CA VAL D 32 -29.06 -5.28 -6.65
C VAL D 32 -29.42 -4.11 -7.56
N SER D 33 -28.52 -3.13 -7.63
CA SER D 33 -28.71 -1.99 -8.52
C SER D 33 -27.79 -2.12 -9.72
N GLY D 34 -28.06 -1.34 -10.76
CA GLY D 34 -27.09 -1.15 -11.83
C GLY D 34 -27.25 -1.99 -13.09
N ILE D 35 -28.39 -2.64 -13.23
CA ILE D 35 -28.67 -3.42 -14.43
C ILE D 35 -29.13 -2.53 -15.59
N ILE D 36 -28.36 -2.53 -16.68
CA ILE D 36 -28.71 -1.73 -17.86
C ILE D 36 -28.71 -2.55 -19.13
N THR D 37 -27.98 -3.65 -19.14
CA THR D 37 -27.97 -4.55 -20.29
C THR D 37 -27.92 -6.01 -19.85
N ASP D 38 -27.93 -6.92 -20.83
CA ASP D 38 -27.66 -8.32 -20.57
C ASP D 38 -26.21 -8.43 -20.13
N SER D 39 -25.40 -7.46 -20.53
CA SER D 39 -23.95 -7.51 -20.30
C SER D 39 -23.53 -6.89 -18.97
N SER D 40 -24.44 -6.13 -18.36
CA SER D 40 -24.15 -5.42 -17.11
C SER D 40 -23.64 -6.36 -16.02
N ILE D 41 -22.60 -5.92 -15.32
CA ILE D 41 -22.03 -6.70 -14.22
C ILE D 41 -23.10 -7.00 -13.18
N ALA D 42 -24.02 -6.06 -13.02
CA ALA D 42 -25.12 -6.21 -12.09
C ALA D 42 -26.02 -7.37 -12.49
N PHE D 43 -26.30 -7.51 -13.78
CA PHE D 43 -27.15 -8.60 -14.26
C PHE D 43 -26.58 -9.97 -13.90
N HIS D 44 -25.30 -10.18 -14.17
CA HIS D 44 -24.68 -11.47 -13.90
C HIS D 44 -24.58 -11.70 -12.39
N ILE D 45 -24.43 -10.62 -11.63
CA ILE D 45 -24.44 -10.71 -10.17
C ILE D 45 -25.80 -11.25 -9.74
N ALA D 46 -26.85 -10.61 -10.24
CA ALA D 46 -28.21 -10.98 -9.89
C ALA D 46 -28.48 -12.42 -10.29
N ARG D 47 -28.06 -12.78 -11.50
CA ARG D 47 -28.28 -14.14 -11.99
C ARG D 47 -27.64 -15.19 -11.08
N VAL D 48 -26.35 -15.00 -10.80
CA VAL D 48 -25.63 -15.95 -9.97
C VAL D 48 -26.23 -16.01 -8.57
N ALA D 49 -26.67 -14.85 -8.08
CA ALA D 49 -27.29 -14.76 -6.76
C ALA D 49 -28.58 -15.58 -6.68
N GLN D 50 -29.40 -15.51 -7.73
CA GLN D 50 -30.66 -16.23 -7.76
C GLN D 50 -30.40 -17.73 -7.82
N GLU D 51 -29.36 -18.11 -8.54
CA GLU D 51 -28.95 -19.51 -8.64
C GLU D 51 -28.60 -20.05 -7.26
N GLN D 52 -28.06 -19.18 -6.43
CA GLN D 52 -27.62 -19.59 -5.10
C GLN D 52 -28.70 -19.37 -4.05
N GLY D 53 -29.95 -19.26 -4.50
CA GLY D 53 -31.09 -19.28 -3.61
C GLY D 53 -31.61 -17.92 -3.18
N ALA D 54 -30.85 -16.87 -3.46
CA ALA D 54 -31.19 -15.53 -2.98
C ALA D 54 -32.43 -14.94 -3.65
N GLN D 55 -33.31 -14.35 -2.85
CA GLN D 55 -34.46 -13.61 -3.35
C GLN D 55 -34.09 -12.13 -3.43
N LEU D 56 -34.40 -11.51 -4.57
CA LEU D 56 -33.87 -10.18 -4.89
C LEU D 56 -34.91 -9.08 -5.01
N VAL D 57 -34.42 -7.84 -4.94
CA VAL D 57 -35.16 -6.67 -5.37
C VAL D 57 -34.20 -5.83 -6.21
N LEU D 58 -34.66 -5.33 -7.35
CA LEU D 58 -33.78 -4.66 -8.30
C LEU D 58 -34.16 -3.20 -8.51
N THR D 59 -33.16 -2.35 -8.67
CA THR D 59 -33.39 -0.95 -9.01
C THR D 59 -32.80 -0.61 -10.37
N GLY D 60 -33.42 0.34 -11.07
CA GLY D 60 -32.96 0.77 -12.37
C GLY D 60 -32.93 2.28 -12.49
N PHE D 61 -32.50 2.79 -13.65
CA PHE D 61 -32.37 4.23 -13.85
C PHE D 61 -32.72 4.68 -15.27
N ASP D 62 -33.82 5.42 -15.39
CA ASP D 62 -34.30 5.98 -16.65
C ASP D 62 -35.11 4.98 -17.48
N ARG D 63 -34.43 4.14 -18.27
CA ARG D 63 -35.10 3.17 -19.12
C ARG D 63 -35.72 2.02 -18.33
N LEU D 64 -36.86 2.29 -17.69
CA LEU D 64 -37.56 1.28 -16.90
C LEU D 64 -38.36 0.36 -17.81
C ARG D 65 -38.35 -2.01 -20.21
N LEU D 66 -37.38 -1.13 -20.43
CA LEU D 66 -36.11 -1.52 -21.05
C LEU D 66 -35.30 -2.40 -20.12
N ILE D 67 -35.49 -2.18 -18.82
CA ILE D 67 -34.78 -2.91 -17.79
C ILE D 67 -35.61 -4.09 -17.29
N GLN D 68 -36.93 -3.90 -17.25
CA GLN D 68 -37.85 -4.94 -16.83
C GLN D 68 -37.89 -6.05 -17.87
N ARG D 69 -37.47 -5.74 -19.08
CA ARG D 69 -37.36 -6.72 -20.15
C ARG D 69 -36.05 -7.48 -20.02
N ILE D 70 -34.98 -6.74 -19.74
CA ILE D 70 -33.66 -7.34 -19.52
C ILE D 70 -33.66 -8.03 -18.16
N THR D 71 -34.47 -7.50 -17.25
CA THR D 71 -34.67 -8.10 -15.95
C THR D 71 -35.47 -9.38 -16.10
N ASP D 72 -36.21 -9.47 -17.19
CA ASP D 72 -37.05 -10.64 -17.46
C ASP D 72 -36.21 -11.85 -17.87
N ARG D 73 -34.95 -11.59 -18.25
CA ARG D 73 -34.05 -12.66 -18.65
C ARG D 73 -33.49 -13.45 -17.46
N LEU D 74 -33.58 -12.86 -16.27
CA LEU D 74 -33.12 -13.51 -15.05
C LEU D 74 -33.89 -14.82 -14.79
N PRO D 75 -33.28 -15.76 -14.03
CA PRO D 75 -33.90 -17.06 -13.77
C PRO D 75 -35.15 -17.00 -12.89
N ALA D 76 -35.40 -15.85 -12.27
CA ALA D 76 -36.54 -15.72 -11.38
C ALA D 76 -37.02 -14.28 -11.32
N LYS D 77 -38.32 -14.09 -11.19
CA LYS D 77 -38.91 -12.76 -11.11
C LYS D 77 -38.47 -12.03 -9.84
N ALA D 78 -38.23 -10.73 -9.98
CA ALA D 78 -37.87 -9.87 -8.87
C ALA D 78 -38.40 -8.46 -9.09
N PRO D 79 -38.88 -7.81 -8.01
CA PRO D 79 -39.38 -6.44 -8.04
C PRO D 79 -38.38 -5.45 -8.61
N LEU D 80 -38.81 -4.67 -9.60
CA LEU D 80 -37.95 -3.67 -10.22
C LEU D 80 -38.34 -2.26 -9.78
N LEU D 81 -37.68 -1.77 -8.73
CA LEU D 81 -37.90 -0.42 -8.23
C LEU D 81 -37.04 0.57 -9.02
N GLU D 82 -37.53 1.77 -9.21
CA GLU D 82 -36.76 2.82 -9.85
C GLU D 82 -35.93 3.55 -8.80
N LEU D 83 -34.65 3.79 -9.10
CA LEU D 83 -33.80 4.57 -8.21
C LEU D 83 -32.75 5.40 -8.93
N ASP D 84 -32.82 6.72 -8.75
CA ASP D 84 -31.83 7.65 -9.26
C ASP D 84 -31.03 8.16 -8.07
N VAL D 85 -29.75 7.83 -8.01
CA VAL D 85 -28.93 8.16 -6.84
C VAL D 85 -28.66 9.66 -6.68
N GLN D 86 -29.05 10.45 -7.68
CA GLN D 86 -28.93 11.90 -7.60
C GLN D 86 -30.23 12.51 -7.12
N ASN D 87 -31.21 11.65 -6.89
CA ASN D 87 -32.55 12.09 -6.55
C ASN D 87 -32.84 11.84 -5.08
N GLU D 88 -32.69 12.89 -4.27
CA GLU D 88 -32.81 12.76 -2.83
C GLU D 88 -34.17 12.21 -2.39
N GLU D 89 -35.20 12.45 -3.20
CA GLU D 89 -36.52 11.89 -2.90
C GLU D 89 -36.51 10.38 -3.06
N HIS D 90 -35.98 9.91 -4.19
CA HIS D 90 -35.82 8.47 -4.44
C HIS D 90 -35.12 7.78 -3.28
N LEU D 91 -34.04 8.39 -2.81
CA LEU D 91 -33.29 7.85 -1.68
C LEU D 91 -34.09 7.86 -0.38
N ALA D 92 -34.93 8.88 -0.20
CA ALA D 92 -35.69 9.02 1.03
C ALA D 92 -36.76 7.95 1.15
N SER D 93 -37.31 7.55 0.00
CA SER D 93 -38.43 6.60 -0.01
C SER D 93 -37.99 5.16 -0.26
N LEU D 94 -36.73 4.98 -0.66
CA LEU D 94 -36.25 3.69 -1.14
C LEU D 94 -36.48 2.57 -0.12
N ALA D 95 -36.26 2.88 1.15
CA ALA D 95 -36.42 1.91 2.23
C ALA D 95 -37.86 1.38 2.27
N GLY D 96 -38.81 2.32 2.30
CA GLY D 96 -40.22 1.97 2.36
C GLY D 96 -40.71 1.26 1.12
N ARG D 97 -40.16 1.62 -0.04
CA ARG D 97 -40.53 0.96 -1.28
C ARG D 97 -39.90 -0.43 -1.40
N VAL D 98 -38.81 -0.66 -0.68
CA VAL D 98 -38.22 -1.98 -0.60
C VAL D 98 -39.01 -2.87 0.36
N THR D 99 -39.26 -2.34 1.55
CA THR D 99 -40.04 -3.03 2.56
C THR D 99 -41.38 -3.52 2.00
N GLU D 100 -42.02 -2.67 1.18
CA GLU D 100 -43.28 -3.02 0.55
C GLU D 100 -43.14 -4.18 -0.44
N ALA D 101 -41.94 -4.39 -0.96
CA ALA D 101 -41.71 -5.45 -1.94
C ALA D 101 -41.34 -6.79 -1.28
N ILE D 102 -40.48 -6.75 -0.27
CA ILE D 102 -40.07 -7.96 0.42
C ILE D 102 -41.07 -8.36 1.50
N GLY D 103 -41.89 -7.40 1.93
CA GLY D 103 -42.90 -7.64 2.95
C GLY D 103 -42.50 -7.00 4.27
N ALA D 104 -43.48 -6.44 4.97
CA ALA D 104 -43.23 -5.77 6.25
C ALA D 104 -42.73 -6.76 7.30
N GLY D 105 -41.82 -6.31 8.16
CA GLY D 105 -41.23 -7.18 9.15
C GLY D 105 -40.08 -8.01 8.58
N ASN D 106 -39.80 -7.82 7.30
CA ASN D 106 -38.67 -8.46 6.63
C ASN D 106 -37.56 -7.47 6.30
N LYS D 107 -36.32 -7.92 6.30
CA LYS D 107 -35.21 -7.00 6.08
C LYS D 107 -34.21 -7.49 5.04
N LEU D 108 -33.30 -6.62 4.63
CA LEU D 108 -32.28 -6.99 3.66
C LEU D 108 -31.08 -7.64 4.33
N ASP D 109 -30.51 -8.65 3.69
CA ASP D 109 -29.27 -9.23 4.17
C ASP D 109 -28.14 -8.77 3.26
N GLY D 110 -28.50 -8.25 2.10
CA GLY D 110 -27.50 -7.85 1.13
C GLY D 110 -27.87 -6.67 0.25
N VAL D 111 -26.89 -5.85 -0.05
CA VAL D 111 -27.06 -4.71 -0.94
C VAL D 111 -25.88 -4.60 -1.90
N VAL D 112 -26.17 -4.52 -3.20
CA VAL D 112 -25.12 -4.38 -4.20
C VAL D 112 -25.15 -3.03 -4.92
N HIS D 113 -24.07 -2.27 -4.77
CA HIS D 113 -23.88 -1.02 -5.52
C HIS D 113 -23.08 -1.32 -6.77
N SER D 114 -23.77 -1.31 -7.91
CA SER D 114 -23.14 -1.55 -9.21
C SER D 114 -23.49 -0.39 -10.13
N ILE D 115 -22.97 0.78 -9.78
CA ILE D 115 -23.34 2.03 -10.44
C ILE D 115 -22.14 2.96 -10.64
N GLY D 116 -22.06 3.55 -11.82
CA GLY D 116 -21.06 4.56 -12.09
C GLY D 116 -21.46 5.39 -13.29
N PHE D 117 -20.90 6.60 -13.37
CA PHE D 117 -21.05 7.43 -14.56
C PHE D 117 -20.00 8.53 -14.54
N MET D 118 -19.48 8.88 -15.71
CA MET D 118 -18.66 10.07 -15.88
C MET D 118 -18.96 10.66 -17.24
N PRO D 119 -19.33 11.94 -17.29
CA PRO D 119 -19.59 12.61 -18.56
C PRO D 119 -18.38 12.48 -19.47
N GLN D 120 -18.60 12.31 -20.78
CA GLN D 120 -17.54 12.11 -21.76
C GLN D 120 -16.35 13.07 -21.61
N THR D 121 -16.60 14.30 -21.18
CA THR D 121 -15.55 15.31 -20.99
C THR D 121 -14.37 14.87 -20.11
N GLY D 122 -14.64 13.99 -19.14
CA GLY D 122 -13.59 13.52 -18.25
C GLY D 122 -13.14 12.09 -18.54
N MET D 123 -13.26 11.67 -19.79
CA MET D 123 -12.91 10.31 -20.17
C MET D 123 -12.13 10.25 -21.47
N GLY D 124 -11.49 9.12 -21.71
CA GLY D 124 -10.90 8.79 -23.00
C GLY D 124 -9.77 9.68 -23.48
N ILE D 125 -9.99 10.30 -24.65
CA ILE D 125 -8.95 11.09 -25.30
C ILE D 125 -9.10 12.58 -25.00
N ASN D 126 -10.20 12.94 -24.34
CA ASN D 126 -10.42 14.32 -23.90
C ASN D 126 -9.39 14.72 -22.86
N PRO D 127 -8.80 15.92 -23.01
CA PRO D 127 -7.70 16.35 -22.13
C PRO D 127 -8.14 16.44 -20.68
N PHE D 128 -7.29 15.93 -19.80
CA PHE D 128 -7.58 15.84 -18.38
C PHE D 128 -7.90 17.21 -17.78
N PHE D 129 -7.19 18.25 -18.23
CA PHE D 129 -7.41 19.61 -17.72
C PHE D 129 -8.64 20.27 -18.30
N ASP D 130 -9.27 19.65 -19.29
CA ASP D 130 -10.41 20.28 -19.94
C ASP D 130 -11.77 19.83 -19.41
N ALA D 131 -11.74 19.02 -18.36
CA ALA D 131 -12.97 18.58 -17.72
C ALA D 131 -13.46 19.66 -16.75
N PRO D 132 -14.64 20.24 -17.03
CA PRO D 132 -15.23 21.23 -16.11
C PRO D 132 -15.71 20.55 -14.84
N TYR D 133 -15.60 21.25 -13.70
CA TYR D 133 -15.86 20.61 -12.43
C TYR D 133 -17.30 20.10 -12.30
N ALA D 134 -18.22 20.82 -12.91
CA ALA D 134 -19.63 20.41 -12.93
C ALA D 134 -19.76 19.00 -13.49
N ASP D 135 -19.04 18.73 -14.59
CA ASP D 135 -18.96 17.38 -15.13
C ASP D 135 -18.37 16.37 -14.14
N VAL D 136 -17.20 16.71 -13.59
CA VAL D 136 -16.53 15.83 -12.65
C VAL D 136 -17.38 15.58 -11.40
N SER D 137 -17.90 16.67 -10.84
CA SER D 137 -18.76 16.62 -9.65
C SER D 137 -19.92 15.66 -9.85
N LYS D 138 -20.57 15.71 -11.01
CA LYS D 138 -21.63 14.77 -11.33
C LYS D 138 -21.11 13.34 -11.35
N GLY D 139 -19.94 13.15 -11.95
CA GLY D 139 -19.30 11.86 -11.98
C GLY D 139 -19.07 11.28 -10.59
N ILE D 140 -18.39 12.06 -9.75
CA ILE D 140 -18.07 11.62 -8.39
C ILE D 140 -19.36 11.42 -7.58
N HIS D 141 -20.37 12.22 -7.87
CA HIS D 141 -21.66 12.12 -7.20
C HIS D 141 -22.25 10.73 -7.38
N ILE D 142 -22.52 10.39 -8.64
CA ILE D 142 -23.12 9.11 -8.97
C ILE D 142 -22.21 7.90 -8.67
N SER D 143 -20.91 8.06 -8.88
CA SER D 143 -19.97 6.93 -8.80
C SER D 143 -19.40 6.67 -7.39
N ALA D 144 -19.25 7.73 -6.59
CA ALA D 144 -18.62 7.61 -5.27
C ALA D 144 -19.54 7.96 -4.09
N TYR D 145 -20.15 9.13 -4.14
CA TYR D 145 -20.99 9.61 -3.03
C TYR D 145 -22.24 8.74 -2.88
N SER D 146 -22.79 8.31 -4.01
CA SER D 146 -24.01 7.50 -4.03
C SER D 146 -23.89 6.23 -3.19
N TYR D 147 -22.65 5.80 -2.97
CA TYR D 147 -22.39 4.61 -2.17
C TYR D 147 -22.72 4.91 -0.71
N ALA D 148 -22.34 6.09 -0.25
CA ALA D 148 -22.68 6.56 1.08
C ALA D 148 -24.19 6.73 1.22
N SER D 149 -24.85 7.24 0.20
CA SER D 149 -26.28 7.52 0.34
C SER D 149 -27.15 6.26 0.24
N MET D 150 -26.75 5.30 -0.58
N MET D 150 -26.74 5.31 -0.57
CA MET D 150 -27.49 4.06 -0.66
CA MET D 150 -27.47 4.05 -0.68
C MET D 150 -27.41 3.30 0.67
C MET D 150 -27.40 3.29 0.65
N ALA D 151 -26.24 3.37 1.30
CA ALA D 151 -26.06 2.77 2.61
C ALA D 151 -26.93 3.49 3.64
N LYS D 152 -27.04 4.80 3.52
CA LYS D 152 -27.81 5.57 4.48
C LYS D 152 -29.27 5.17 4.40
N ALA D 153 -29.78 5.04 3.18
CA ALA D 153 -31.18 4.71 2.98
C ALA D 153 -31.51 3.26 3.35
N LEU D 154 -30.53 2.36 3.22
CA LEU D 154 -30.81 0.92 3.36
C LEU D 154 -30.39 0.26 4.69
N LEU D 155 -29.28 0.70 5.28
CA LEU D 155 -28.86 0.19 6.60
C LEU D 155 -29.96 0.06 7.67
N PRO D 156 -30.85 1.08 7.82
CA PRO D 156 -31.97 0.89 8.75
C PRO D 156 -32.90 -0.29 8.47
N ILE D 157 -32.80 -0.94 7.31
CA ILE D 157 -33.60 -2.13 7.05
C ILE D 157 -32.72 -3.34 6.69
N MET D 158 -31.55 -3.43 7.31
CA MET D 158 -30.66 -4.55 7.06
C MET D 158 -30.40 -5.37 8.32
N ASN D 159 -30.40 -6.69 8.13
CA ASN D 159 -30.16 -7.62 9.22
C ASN D 159 -28.71 -7.68 9.63
N PRO D 160 -28.43 -8.02 10.90
CA PRO D 160 -27.04 -8.26 11.29
C PRO D 160 -26.45 -9.39 10.45
N GLY D 161 -25.15 -9.36 10.20
CA GLY D 161 -24.51 -10.33 9.33
C GLY D 161 -24.66 -9.95 7.87
N GLY D 162 -25.29 -8.80 7.63
CA GLY D 162 -25.58 -8.36 6.28
C GLY D 162 -24.37 -7.85 5.53
N SER D 163 -24.54 -7.55 4.25
CA SER D 163 -23.40 -7.24 3.40
C SER D 163 -23.68 -6.19 2.34
N ILE D 164 -22.82 -5.17 2.29
CA ILE D 164 -22.90 -4.14 1.27
C ILE D 164 -21.67 -4.26 0.36
N VAL D 165 -21.92 -4.28 -0.94
CA VAL D 165 -20.81 -4.49 -1.88
C VAL D 165 -20.88 -3.49 -3.01
N GLY D 166 -19.75 -2.85 -3.30
CA GLY D 166 -19.67 -1.95 -4.44
C GLY D 166 -18.67 -2.40 -5.49
N MET D 167 -18.88 -1.95 -6.72
CA MET D 167 -17.98 -2.25 -7.82
C MET D 167 -16.91 -1.17 -7.97
N ASP D 168 -15.70 -1.61 -8.31
CA ASP D 168 -14.51 -0.74 -8.30
C ASP D 168 -13.52 -1.13 -9.41
N PHE D 169 -12.69 -0.18 -9.82
CA PHE D 169 -11.58 -0.45 -10.73
C PHE D 169 -10.34 0.16 -10.09
N ASP D 170 -9.33 -0.68 -9.85
CA ASP D 170 -8.10 -0.28 -9.16
C ASP D 170 -7.52 1.05 -9.65
N PRO D 171 -7.60 2.10 -8.81
CA PRO D 171 -7.21 3.45 -9.17
C PRO D 171 -5.94 3.92 -8.45
N SER D 172 -5.16 2.99 -7.91
CA SER D 172 -4.00 3.34 -7.09
C SER D 172 -2.81 3.72 -7.95
N ARG D 173 -2.99 3.59 -9.27
CA ARG D 173 -2.04 4.10 -10.24
C ARG D 173 -2.83 4.75 -11.36
N ALA D 174 -2.30 5.85 -11.90
CA ALA D 174 -2.94 6.54 -13.02
C ALA D 174 -2.79 5.73 -14.30
N MET D 175 -3.60 6.06 -15.31
CA MET D 175 -3.59 5.32 -16.57
C MET D 175 -4.25 6.15 -17.69
N PRO D 176 -3.99 5.79 -18.95
CA PRO D 176 -4.70 6.46 -20.04
C PRO D 176 -6.20 6.16 -19.99
N ALA D 177 -7.00 7.07 -20.54
CA ALA D 177 -8.43 6.84 -20.80
C ALA D 177 -9.35 6.88 -19.58
N TYR D 178 -8.93 6.30 -18.47
CA TYR D 178 -9.83 6.23 -17.32
C TYR D 178 -9.99 7.60 -16.70
N ASN D 179 -8.95 8.41 -16.79
CA ASN D 179 -8.99 9.83 -16.41
C ASN D 179 -9.70 10.10 -15.10
N TRP D 180 -10.82 10.82 -15.18
CA TRP D 180 -11.52 11.29 -13.99
C TRP D 180 -12.36 10.22 -13.31
N MET D 181 -12.57 9.10 -13.99
CA MET D 181 -13.22 7.98 -13.34
C MET D 181 -12.27 7.37 -12.31
N THR D 182 -10.98 7.49 -12.58
CA THR D 182 -9.95 6.99 -11.67
C THR D 182 -10.05 7.75 -10.36
N VAL D 183 -10.23 9.06 -10.46
CA VAL D 183 -10.38 9.93 -9.30
C VAL D 183 -11.62 9.56 -8.49
N ALA D 184 -12.73 9.36 -9.18
CA ALA D 184 -13.98 8.94 -8.57
C ALA D 184 -13.87 7.60 -7.83
N LYS D 185 -13.20 6.62 -8.43
CA LYS D 185 -13.01 5.33 -7.80
C LYS D 185 -12.11 5.46 -6.59
N SER D 186 -11.08 6.30 -6.72
CA SER D 186 -10.23 6.60 -5.56
C SER D 186 -11.11 7.11 -4.42
N ALA D 187 -12.05 7.99 -4.76
CA ALA D 187 -12.92 8.58 -3.78
C ALA D 187 -13.83 7.52 -3.18
N LEU D 188 -14.30 6.62 -4.05
N LEU D 188 -14.30 6.62 -4.04
CA LEU D 188 -15.17 5.52 -3.66
CA LEU D 188 -15.18 5.54 -3.62
C LEU D 188 -14.49 4.67 -2.60
C LEU D 188 -14.51 4.63 -2.61
N GLU D 189 -13.23 4.33 -2.84
CA GLU D 189 -12.46 3.50 -1.92
C GLU D 189 -12.41 4.13 -0.54
N SER D 190 -12.21 5.44 -0.51
CA SER D 190 -12.16 6.17 0.74
C SER D 190 -13.52 6.10 1.41
N VAL D 191 -14.56 6.34 0.61
CA VAL D 191 -15.95 6.33 1.10
C VAL D 191 -16.29 4.98 1.70
N ASN D 192 -15.89 3.92 1.01
CA ASN D 192 -16.10 2.55 1.46
C ASN D 192 -15.65 2.30 2.88
N ARG D 193 -14.47 2.81 3.22
CA ARG D 193 -13.91 2.67 4.56
C ARG D 193 -14.72 3.43 5.63
N PHE D 194 -15.44 4.47 5.22
CA PHE D 194 -16.30 5.20 6.14
C PHE D 194 -17.68 4.58 6.30
N VAL D 195 -18.21 4.06 5.20
CA VAL D 195 -19.49 3.35 5.24
C VAL D 195 -19.36 2.15 6.17
N ALA D 196 -18.15 1.59 6.22
CA ALA D 196 -17.86 0.44 7.09
C ALA D 196 -17.99 0.83 8.55
N ARG D 197 -17.55 2.04 8.89
CA ARG D 197 -17.70 2.55 10.24
C ARG D 197 -19.17 2.58 10.62
N GLU D 198 -20.00 3.12 9.74
CA GLU D 198 -21.43 3.19 9.96
C GLU D 198 -22.13 1.82 9.92
N ALA D 199 -21.76 0.99 8.94
CA ALA D 199 -22.37 -0.32 8.77
C ALA D 199 -22.14 -1.24 9.97
N GLY D 200 -20.93 -1.20 10.52
CA GLY D 200 -20.59 -1.97 11.71
C GLY D 200 -21.55 -1.82 12.89
N LYS D 201 -22.16 -0.64 13.02
CA LYS D 201 -23.15 -0.39 14.07
C LYS D 201 -24.36 -1.30 13.93
N TYR D 202 -24.57 -1.82 12.72
CA TYR D 202 -25.68 -2.74 12.45
C TYR D 202 -25.18 -4.17 12.35
N GLY D 203 -23.89 -4.39 12.52
CA GLY D 203 -23.32 -5.71 12.31
C GLY D 203 -23.35 -6.08 10.83
N VAL D 204 -23.26 -5.06 9.99
CA VAL D 204 -23.25 -5.24 8.55
C VAL D 204 -21.87 -4.90 8.01
N ARG D 205 -21.41 -5.63 7.01
CA ARG D 205 -20.11 -5.40 6.40
C ARG D 205 -20.23 -4.50 5.18
N SER D 206 -19.12 -3.85 4.82
CA SER D 206 -19.08 -3.04 3.59
C SER D 206 -17.76 -3.28 2.87
N ASN D 207 -17.82 -3.69 1.61
CA ASN D 207 -16.62 -3.95 0.82
C ASN D 207 -16.73 -3.60 -0.67
N LEU D 208 -15.59 -3.48 -1.34
CA LEU D 208 -15.59 -3.28 -2.79
C LEU D 208 -14.95 -4.46 -3.54
N VAL D 209 -15.54 -4.84 -4.67
CA VAL D 209 -14.96 -5.82 -5.57
C VAL D 209 -14.29 -5.08 -6.72
N ALA D 210 -12.97 -5.08 -6.73
CA ALA D 210 -12.23 -4.38 -7.77
C ALA D 210 -12.05 -5.33 -8.93
N ALA D 211 -12.87 -5.15 -9.96
CA ALA D 211 -12.87 -6.04 -11.11
C ALA D 211 -11.87 -5.61 -12.18
N GLY D 212 -11.49 -6.56 -13.01
CA GLY D 212 -10.74 -6.28 -14.22
C GLY D 212 -11.73 -5.86 -15.30
N PRO D 213 -11.22 -5.53 -16.51
CA PRO D 213 -12.11 -4.99 -17.56
C PRO D 213 -13.14 -6.01 -18.00
N ILE D 214 -14.39 -5.56 -18.11
CA ILE D 214 -15.46 -6.37 -18.67
C ILE D 214 -16.17 -5.53 -19.72
N ARG D 215 -16.46 -6.12 -20.87
CA ARG D 215 -17.14 -5.38 -21.94
C ARG D 215 -18.61 -5.19 -21.59
N THR D 216 -18.94 -3.98 -21.15
CA THR D 216 -20.30 -3.63 -20.77
C THR D 216 -20.75 -2.38 -21.54
N LEU D 217 -22.00 -1.97 -21.33
CA LEU D 217 -22.53 -0.78 -21.98
C LEU D 217 -21.66 0.43 -21.65
N ALA D 218 -21.08 0.45 -20.46
CA ALA D 218 -20.25 1.58 -20.02
C ALA D 218 -18.84 1.57 -20.63
N MET D 219 -18.26 0.37 -20.80
CA MET D 219 -16.92 0.26 -21.38
C MET D 219 -16.85 0.72 -22.83
N SER D 220 -17.92 0.49 -23.58
CA SER D 220 -17.96 0.85 -25.01
C SER D 220 -18.66 2.19 -25.21
N ALA D 221 -19.75 2.41 -24.49
CA ALA D 221 -20.53 3.65 -24.58
C ALA D 221 -19.70 4.87 -24.18
N ILE D 222 -19.32 4.94 -22.92
CA ILE D 222 -18.49 6.04 -22.43
C ILE D 222 -17.03 5.77 -22.72
N VAL D 223 -16.56 4.60 -22.28
CA VAL D 223 -15.18 4.17 -22.53
C VAL D 223 -14.87 4.32 -24.02
N GLY D 224 -15.54 3.53 -24.85
C GLU D 239 -6.27 -7.57 -22.65
N GLU D 240 -5.53 -7.40 -23.75
CA GLU D 240 -4.33 -8.19 -23.99
C GLU D 240 -3.36 -8.14 -22.82
N GLY D 241 -3.11 -6.94 -22.32
CA GLY D 241 -2.13 -6.74 -21.26
C GLY D 241 -2.59 -7.34 -19.94
N TRP D 242 -3.90 -7.35 -19.75
CA TRP D 242 -4.48 -7.82 -18.51
C TRP D 242 -4.37 -9.33 -18.40
N ASP D 243 -4.67 -10.01 -19.51
CA ASP D 243 -4.56 -11.46 -19.61
C ASP D 243 -3.11 -11.92 -19.48
N GLN D 244 -2.18 -11.06 -19.89
CA GLN D 244 -0.76 -11.36 -19.80
C GLN D 244 -0.28 -11.28 -18.35
N ARG D 245 -0.65 -10.21 -17.66
CA ARG D 245 -0.22 -10.03 -16.27
C ARG D 245 -0.88 -11.01 -15.33
N ALA D 246 -2.15 -11.33 -15.59
CA ALA D 246 -2.92 -12.22 -14.72
C ALA D 246 -2.31 -13.63 -14.67
N PRO D 247 -1.86 -14.07 -13.49
CA PRO D 247 -1.28 -15.42 -13.41
C PRO D 247 -2.27 -16.53 -13.78
N ILE D 248 -3.56 -16.26 -13.63
CA ILE D 248 -4.56 -17.23 -14.04
C ILE D 248 -5.36 -16.76 -15.26
N GLY D 249 -4.87 -15.71 -15.91
CA GLY D 249 -5.52 -15.21 -17.11
C GLY D 249 -6.69 -14.29 -16.81
N TRP D 250 -7.33 -13.78 -17.86
CA TRP D 250 -8.51 -12.93 -17.72
C TRP D 250 -9.35 -12.90 -18.99
N ASN D 251 -10.60 -13.32 -18.89
CA ASN D 251 -11.52 -13.25 -20.01
C ASN D 251 -12.38 -12.00 -19.93
N MET D 252 -12.08 -11.03 -20.78
CA MET D 252 -12.78 -9.76 -20.85
C MET D 252 -14.23 -9.91 -21.33
N LYS D 253 -14.61 -11.11 -21.73
CA LYS D 253 -15.95 -11.38 -22.23
C LYS D 253 -16.87 -11.97 -21.17
N ASP D 254 -16.30 -12.46 -20.08
CA ASP D 254 -17.08 -13.18 -19.07
C ASP D 254 -17.10 -12.50 -17.69
N ALA D 255 -18.31 -12.13 -17.25
CA ALA D 255 -18.48 -11.43 -15.98
C ALA D 255 -18.79 -12.37 -14.81
N THR D 256 -19.07 -13.64 -15.11
CA THR D 256 -19.34 -14.63 -14.07
C THR D 256 -18.31 -14.67 -12.92
N PRO D 257 -16.99 -14.71 -13.24
CA PRO D 257 -15.99 -14.72 -12.16
C PRO D 257 -16.09 -13.51 -11.23
N VAL D 258 -16.51 -12.37 -11.76
CA VAL D 258 -16.72 -11.18 -10.95
C VAL D 258 -17.97 -11.34 -10.11
N ALA D 259 -19.05 -11.80 -10.72
CA ALA D 259 -20.31 -12.00 -10.04
C ALA D 259 -20.20 -13.03 -8.92
N LYS D 260 -19.44 -14.11 -9.16
CA LYS D 260 -19.18 -15.10 -8.12
C LYS D 260 -18.51 -14.48 -6.89
N THR D 261 -17.49 -13.66 -7.14
CA THR D 261 -16.77 -12.95 -6.08
C THR D 261 -17.69 -12.03 -5.28
N VAL D 262 -18.67 -11.44 -5.95
CA VAL D 262 -19.62 -10.56 -5.29
C VAL D 262 -20.54 -11.35 -4.36
N CYS D 263 -21.04 -12.49 -4.84
CA CYS D 263 -21.85 -13.38 -4.03
C CYS D 263 -21.09 -13.89 -2.82
N ALA D 264 -19.80 -14.14 -3.02
CA ALA D 264 -18.93 -14.53 -1.92
C ALA D 264 -19.00 -13.52 -0.79
N LEU D 265 -18.81 -12.25 -1.10
CA LEU D 265 -18.90 -11.20 -0.08
C LEU D 265 -20.30 -11.11 0.53
N LEU D 266 -21.33 -11.26 -0.29
CA LEU D 266 -22.70 -11.24 0.20
C LEU D 266 -23.03 -12.43 1.11
N SER D 267 -22.27 -13.53 0.98
CA SER D 267 -22.50 -14.74 1.78
C SER D 267 -21.91 -14.64 3.19
N ASP D 268 -22.08 -15.71 3.97
CA ASP D 268 -21.57 -15.75 5.34
C ASP D 268 -20.10 -16.19 5.39
N TRP D 269 -19.47 -16.39 4.24
CA TRP D 269 -18.12 -16.95 4.22
C TRP D 269 -16.98 -15.92 4.22
N LEU D 270 -17.32 -14.64 4.30
CA LEU D 270 -16.31 -13.61 4.50
C LEU D 270 -16.72 -12.62 5.60
N PRO D 271 -16.95 -13.13 6.81
CA PRO D 271 -17.61 -12.38 7.89
C PRO D 271 -16.64 -11.50 8.69
N ALA D 272 -15.36 -11.54 8.35
CA ALA D 272 -14.34 -10.82 9.11
C ALA D 272 -13.68 -9.76 8.23
N THR D 273 -14.31 -9.46 7.11
CA THR D 273 -13.74 -8.54 6.12
C THR D 273 -14.68 -7.36 5.94
N THR D 274 -14.17 -6.15 6.20
CA THR D 274 -14.96 -4.94 5.99
C THR D 274 -14.10 -3.69 5.78
N GLY D 275 -14.69 -2.70 5.11
CA GLY D 275 -13.97 -1.51 4.68
C GLY D 275 -12.86 -1.85 3.70
N ASP D 276 -12.98 -3.00 3.06
CA ASP D 276 -11.85 -3.56 2.33
C ASP D 276 -12.12 -3.65 0.85
N ILE D 277 -11.18 -4.27 0.14
CA ILE D 277 -11.29 -4.42 -1.30
C ILE D 277 -10.81 -5.80 -1.68
N ILE D 278 -11.65 -6.54 -2.39
CA ILE D 278 -11.25 -7.82 -2.94
C ILE D 278 -11.07 -7.69 -4.44
N TYR D 279 -9.89 -8.06 -4.92
CA TYR D 279 -9.56 -7.90 -6.32
C TYR D 279 -9.94 -9.14 -7.10
N ALA D 280 -10.95 -8.99 -7.95
CA ALA D 280 -11.37 -10.07 -8.84
C ALA D 280 -10.85 -9.74 -10.24
N ASP D 281 -9.54 -9.79 -10.39
CA ASP D 281 -8.88 -9.28 -11.60
C ASP D 281 -7.91 -10.30 -12.19
N GLY D 282 -8.00 -11.56 -11.76
CA GLY D 282 -7.12 -12.59 -12.26
C GLY D 282 -5.73 -12.51 -11.66
N GLY D 283 -5.59 -11.69 -10.62
CA GLY D 283 -4.31 -11.50 -9.97
C GLY D 283 -3.43 -10.50 -10.68
N ALA D 284 -4.01 -9.78 -11.65
CA ALA D 284 -3.23 -8.87 -12.47
C ALA D 284 -2.56 -7.75 -11.67
N HIS D 285 -3.27 -7.23 -10.68
CA HIS D 285 -2.76 -6.08 -9.92
C HIS D 285 -1.61 -6.45 -8.99
N THR D 286 -1.22 -7.73 -8.97
CA THR D 286 -0.12 -8.16 -8.12
C THR D 286 1.15 -8.45 -8.93
N GLN D 287 1.10 -8.18 -10.23
CA GLN D 287 2.24 -8.43 -11.10
C GLN D 287 2.63 -7.18 -11.89
N LEU D 288 3.93 -6.90 -11.92
CA LEU D 288 4.43 -5.76 -12.69
C LEU D 288 4.28 -6.05 -14.17
N LEU D 289 4.84 -7.17 -14.61
CA LEU D 289 4.75 -7.57 -16.01
C LEU D 289 4.47 -9.06 -16.17
PA NAD E . -0.03 -22.52 16.24
O1A NAD E . -1.47 -23.23 16.67
O2A NAD E . 0.96 -22.71 17.29
O5B NAD E . 0.47 -23.11 14.79
C5B NAD E . 1.81 -22.94 14.41
C4B NAD E . 2.19 -24.16 13.56
O4B NAD E . 3.52 -24.12 12.90
C3B NAD E . 2.23 -25.49 14.46
O3B NAD E . 1.23 -26.43 14.22
C2B NAD E . 3.66 -25.95 14.23
O2B NAD E . 3.87 -27.31 14.49
C1B NAD E . 3.85 -25.46 12.83
N9A NAD E . 5.30 -25.53 12.53
C8A NAD E . 6.33 -24.90 13.23
N7A NAD E . 7.57 -25.34 12.67
C5A NAD E . 7.25 -26.24 11.62
C6A NAD E . 8.06 -26.98 10.72
N6A NAD E . 9.52 -26.90 10.79
N1A NAD E . 7.48 -27.75 9.80
C2A NAD E . 6.08 -27.88 9.74
N3A NAD E . 5.26 -27.16 10.63
C4A NAD E . 5.86 -26.36 11.54
O3 NAD E . -0.22 -20.88 16.04
PN NAD E . -1.19 -20.27 14.85
O1N NAD E . -1.65 -18.77 15.36
O2N NAD E . -2.35 -21.12 14.58
O5D NAD E . -0.21 -20.12 13.50
C5D NAD E . -0.51 -20.71 12.24
C4D NAD E . -0.35 -19.64 11.13
O4D NAD E . -1.21 -18.48 11.28
C3D NAD E . 1.07 -18.96 11.00
O3D NAD E . 1.51 -18.73 9.68
C2D NAD E . 0.90 -17.68 11.85
O2D NAD E . 1.93 -16.73 11.84
C1D NAD E . -0.44 -17.30 11.30
N1N NAD E . -1.17 -16.20 12.01
C2N NAD E . -1.43 -16.25 13.45
C3N NAD E . -2.20 -15.18 14.07
C7N NAD E . -2.52 -15.21 15.59
O7N NAD E . -2.83 -14.21 16.15
N7N NAD E . -2.43 -16.49 16.30
C4N NAD E . -2.71 -14.04 13.26
C5N NAD E . -2.43 -14.00 11.84
C6N NAD E . -1.68 -15.07 11.20
C10 1US F . 2.15 -9.18 18.03
C15 1US F . 3.35 -16.92 15.15
C17 1US F . 5.37 -18.23 14.93
C20 1US F . 4.12 -15.83 15.59
C01 1US F . 0.34 -14.25 17.08
C02 1US F . 0.94 -15.46 16.71
C03 1US F . 1.42 -15.63 15.40
C04 1US F . 1.27 -14.60 14.46
C05 1US F . 0.67 -13.40 14.83
C06 1US F . 0.20 -13.23 16.13
C07 1US F . -0.41 -11.88 16.52
C08 1US F . 0.60 -10.75 16.69
C09 1US F . 1.20 -10.38 18.04
O13 1US F . 1.75 -14.74 13.15
O14 1US F . 1.96 -16.87 15.03
C16 1US F . 3.99 -18.11 14.83
C18 1US F . 6.13 -17.14 15.37
C19 1US F . 5.50 -15.94 15.70
CL1 1US F . 3.00 -19.46 14.20
PA NAD G . -4.75 26.92 6.72
O1A NAD G . -3.49 27.87 7.21
O2A NAD G . -6.05 27.37 7.19
O5B NAD G . -4.70 26.87 5.06
C5B NAD G . -5.83 26.41 4.35
C4B NAD G . -5.94 27.23 3.06
O4B NAD G . -7.06 26.91 2.13
C3B NAD G . -6.20 28.75 3.48
O3B NAD G . -5.12 29.61 3.24
C2B NAD G . -7.54 29.03 2.82
O2B NAD G . -7.73 30.37 2.53
C1B NAD G . -7.36 28.18 1.61
N9A NAD G . -8.61 28.12 0.84
C8A NAD G . -9.86 27.67 1.30
N7A NAD G . -10.78 27.84 0.21
C5A NAD G . -10.08 28.40 -0.89
C6A NAD G . -10.48 28.78 -2.20
N6A NAD G . -11.88 28.61 -2.61
N1A NAD G . -9.59 29.28 -3.05
C2A NAD G . -8.23 29.46 -2.67
N3A NAD G . -7.82 29.09 -1.37
C4A NAD G . -8.73 28.58 -0.51
O3 NAD G . -4.48 25.40 7.32
PN NAD G . -3.30 24.41 6.69
O1N NAD G . -3.02 23.26 7.81
O2N NAD G . -2.04 25.09 6.41
O5D NAD G . -3.91 23.75 5.30
C5D NAD G . -3.27 23.92 4.03
C4D NAD G . -3.16 22.55 3.31
O4D NAD G . -2.38 21.53 4.03
C3D NAD G . -4.54 21.82 3.07
O3D NAD G . -4.69 21.12 1.86
C2D NAD G . -4.66 20.90 4.31
O2D NAD G . -5.65 19.91 4.18
C1D NAD G . -3.22 20.45 4.32
N1N NAD G . -2.78 19.73 5.53
C2N NAD G . -2.87 20.31 6.86
C3N NAD G . -2.38 19.55 7.99
C7N NAD G . -2.50 20.08 9.43
O7N NAD G . -2.42 19.31 10.33
N7N NAD G . -2.91 21.47 9.64
C4N NAD G . -1.81 18.18 7.80
C5N NAD G . -1.72 17.61 6.48
C6N NAD G . -2.19 18.37 5.34
C10 1US H . -7.51 14.44 12.18
C15 1US H . -7.91 20.98 6.64
C17 1US H . -9.66 21.89 5.24
C20 1US H . -8.80 20.03 7.16
C01 1US H . -5.76 19.43 10.25
C02 1US H . -6.18 20.40 9.34
C03 1US H . -6.19 20.09 7.98
C04 1US H . -5.81 18.83 7.53
C05 1US H . -5.39 17.86 8.45
C06 1US H . -5.36 18.17 9.81
C07 1US H . -4.95 17.12 10.83
C08 1US H . -5.84 15.88 10.81
C09 1US H . -7.07 15.82 11.69
O13 1US H . -5.89 18.56 6.17
O14 1US H . -6.57 21.06 7.05
C16 1US H . -8.34 21.90 5.70
C18 1US H . -10.55 20.94 5.75
C19 1US H . -10.13 20.02 6.71
CL1 1US H . -7.14 23.08 5.10
C11 1US H . -8.83 14.39 12.93
PA NAD I . 26.73 -2.94 -7.85
O1A NAD I . 27.75 -1.74 -8.37
O2A NAD I . 27.25 -4.24 -8.23
O5B NAD I . 26.67 -2.85 -6.20
C5B NAD I . 26.60 -4.08 -5.51
C4B NAD I . 27.46 -4.13 -4.22
O4B NAD I . 27.07 -5.20 -3.25
C3B NAD I . 29.03 -4.37 -4.50
O3B NAD I . 29.89 -3.30 -4.29
C2B NAD I . 29.30 -5.60 -3.63
O2B NAD I . 30.64 -5.71 -3.21
C1B NAD I . 28.27 -5.44 -2.57
N9A NAD I . 28.22 -6.70 -1.80
C8A NAD I . 27.82 -7.95 -2.29
N7A NAD I . 28.03 -8.90 -1.23
C5A NAD I . 28.54 -8.19 -0.11
C6A NAD I . 28.92 -8.62 1.20
N6A NAD I . 28.80 -10.04 1.53
N1A NAD I . 29.39 -7.74 2.09
C2A NAD I . 29.52 -6.36 1.74
N3A NAD I . 29.14 -5.93 0.45
C4A NAD I . 28.67 -6.84 -0.45
O3 NAD I . 25.22 -2.74 -8.51
PN NAD I . 24.16 -1.64 -7.84
O1N NAD I . 22.88 -1.45 -8.85
O2N NAD I . 24.82 -0.39 -7.49
O5D NAD I . 23.58 -2.26 -6.42
C5D NAD I . 23.78 -1.54 -5.21
C4D NAD I . 22.46 -1.42 -4.42
O4D NAD I . 21.41 -0.72 -5.14
C3D NAD I . 21.78 -2.80 -4.06
O3D NAD I . 21.25 -2.91 -2.77
C2D NAD I . 20.80 -3.01 -5.25
O2D NAD I . 19.82 -3.99 -5.11
C1D NAD I . 20.32 -1.59 -5.34
N1N NAD I . 19.53 -1.26 -6.55
C2N NAD I . 20.07 -1.41 -7.89
C3N NAD I . 19.27 -1.01 -9.04
C7N NAD I . 19.81 -1.17 -10.47
O7N NAD I . 19.05 -1.16 -11.38
N7N NAD I . 21.24 -1.30 -10.72
C4N NAD I . 17.88 -0.47 -8.85
C5N NAD I . 17.35 -0.31 -7.52
C6N NAD I . 18.15 -0.71 -6.37
C10 1US J . 14.61 -6.72 -13.24
C15 1US J . 21.08 -6.32 -7.59
C17 1US J . 22.13 -8.07 -6.25
C20 1US J . 20.13 -7.24 -8.04
C01 1US J . 19.30 -4.36 -11.23
C02 1US J . 20.32 -4.65 -10.31
C03 1US J . 20.06 -4.69 -8.93
C04 1US J . 18.76 -4.40 -8.48
C05 1US J . 17.73 -4.10 -9.38
C06 1US J . 18.00 -4.07 -10.76
C07 1US J . 16.86 -3.77 -11.73
C08 1US J . 16.41 -4.95 -12.60
C09 1US J . 14.95 -5.41 -12.54
O13 1US J . 18.51 -4.40 -7.11
O14 1US J . 21.07 -4.97 -8.02
C16 1US J . 22.08 -6.74 -6.69
C18 1US J . 21.18 -8.99 -6.71
C19 1US J . 20.19 -8.58 -7.62
CL1 1US J . 23.29 -5.58 -6.08
PA NAD K . -22.88 -0.74 -17.00
O1A NAD K . -24.06 -1.89 -16.80
O2A NAD K . -23.08 -0.01 -18.24
O5B NAD K . -22.83 0.28 -15.67
C5B NAD K . -23.63 1.44 -15.58
C4B NAD K . -24.79 1.38 -14.57
O4B NAD K . -24.92 2.62 -13.75
C3B NAD K . -26.23 1.26 -15.29
O3B NAD K . -27.00 0.12 -15.01
C2B NAD K . -26.82 2.64 -15.03
O2B NAD K . -28.20 2.79 -15.25
C1B NAD K . -26.28 2.92 -13.66
N9A NAD K . -26.42 4.36 -13.37
C8A NAD K . -25.81 5.39 -14.07
N7A NAD K . -26.24 6.62 -13.48
C5A NAD K . -27.11 6.32 -12.40
C6A NAD K . -27.80 7.16 -11.48
N6A NAD K . -27.65 8.61 -11.59
N1A NAD K . -28.58 6.61 -10.54
C2A NAD K . -28.71 5.20 -10.45
N3A NAD K . -28.01 4.37 -11.35
C4A NAD K . -27.23 4.93 -12.31
O3 NAD K . -21.39 -1.47 -17.01
PN NAD K . -20.81 -2.09 -15.59
O1N NAD K . -19.24 -2.48 -15.83
O2N NAD K . -21.59 -3.26 -15.24
O5D NAD K . -20.95 -0.97 -14.35
C5D NAD K . -21.15 -1.40 -13.01
C4D NAD K . -20.00 -1.05 -12.04
O4D NAD K . -18.78 -1.83 -12.14
C3D NAD K . -19.48 0.44 -12.06
O3D NAD K . -19.38 1.10 -10.81
C2D NAD K . -18.17 0.30 -12.87
O2D NAD K . -17.32 1.41 -12.96
C1D NAD K . -17.66 -0.97 -12.23
N1N NAD K . -16.56 -1.60 -12.98
C2N NAD K . -16.76 -2.03 -14.35
C3N NAD K . -15.68 -2.66 -15.07
C7N NAD K . -15.89 -3.11 -16.53
O7N NAD K . -14.99 -3.55 -17.13
N7N NAD K . -17.19 -2.92 -17.17
C4N NAD K . -14.35 -2.87 -14.40
C5N NAD K . -14.15 -2.44 -13.04
C6N NAD K . -15.25 -1.80 -12.32
C10 1US L . -9.61 1.91 -18.53
C15 1US L . -17.76 2.54 -16.04
C17 1US L . -19.17 4.51 -15.72
C20 1US L . -16.74 3.35 -16.56
C01 1US L . -14.87 -0.35 -17.94
C02 1US L . -16.14 0.11 -17.56
C03 1US L . -16.33 0.70 -16.30
C04 1US L . -15.25 0.82 -15.42
C05 1US L . -13.97 0.37 -15.80
C06 1US L . -13.79 -0.23 -17.06
C07 1US L . -12.40 -0.68 -17.50
C08 1US L . -11.68 0.36 -18.36
C09 1US L . -10.16 0.51 -18.29
O13 1US L . -15.43 1.44 -14.18
O14 1US L . -17.60 1.14 -15.93
C16 1US L . -18.97 3.13 -15.62
C18 1US L . -18.15 5.31 -16.24
C19 1US L . -16.94 4.73 -16.65
CL1 1US L . -20.29 2.12 -14.96
C11 1US L . -8.76 2.17 -19.77
#